data_8TI8
#
_entry.id   8TI8
#
_cell.length_a   1.00
_cell.length_b   1.00
_cell.length_c   1.00
_cell.angle_alpha   90.00
_cell.angle_beta   90.00
_cell.angle_gamma   90.00
#
_symmetry.space_group_name_H-M   'P 1'
#
_entity_poly.entity_id   1
_entity_poly.type   'polypeptide(L)'
_entity_poly.pdbx_seq_one_letter_code
;SNASDKINVWTTSRDSAVCGDIELKKTSTTRLIFRPEIVNNNKNPKASVRGCFIFQKKGRNALWDDYKELDMNKLKAEEW
IKLEINSDAMLTLTKEIQKHYAVHEKYGVRYGAFHLFKDNPDIEKLIEMFESNTDLLTQLMEDDKSEALEKTLEWIVTND
NPDKIIDRLKNLKEQDLDQLNTLIGIANLKKVLSVWESNKLTNTSEKFWQSVLKENTWILSQIFSNPTVLINDEAYVGGK
TVKNDSGKLVDFLYANPFSKDAVLIEIKTPSTPLITPTEYRTGVYSAHKDLTGAVTQVLTYKTTLQREYQNIDYNNYRQG
IKTDFDIITPCCVVIAGMFDTLTDTAHRHSFELYRKELKNVTVITFDELFERVKGLIKLLEG
;
_entity_poly.pdbx_strand_id   A,C,D,B
#
# COMPACT_ATOMS: atom_id res chain seq x y z
N GLU A 147 36.85 6.23 44.30
CA GLU A 147 36.26 5.84 45.57
C GLU A 147 34.98 6.62 45.86
N ALA A 148 35.11 7.95 45.90
CA ALA A 148 33.95 8.79 46.22
C ALA A 148 32.92 8.77 45.09
N LEU A 149 33.33 8.44 43.87
CA LEU A 149 32.43 8.46 42.73
C LEU A 149 31.99 7.04 42.35
N GLU A 150 32.93 6.14 42.06
CA GLU A 150 32.56 4.83 41.54
C GLU A 150 31.87 3.97 42.59
N LYS A 151 32.39 3.95 43.82
CA LYS A 151 31.82 3.11 44.86
C LYS A 151 30.43 3.60 45.26
N THR A 152 30.23 4.92 45.28
CA THR A 152 28.91 5.46 45.59
C THR A 152 27.89 5.04 44.53
N LEU A 153 28.27 5.10 43.26
CA LEU A 153 27.35 4.68 42.19
C LEU A 153 27.08 3.18 42.26
N GLU A 154 28.10 2.39 42.60
CA GLU A 154 27.89 0.96 42.79
C GLU A 154 26.92 0.68 43.92
N TRP A 155 27.01 1.44 45.02
CA TRP A 155 26.03 1.32 46.09
C TRP A 155 24.64 1.73 45.60
N ILE A 156 24.57 2.77 44.77
CA ILE A 156 23.27 3.20 44.23
C ILE A 156 22.63 2.09 43.41
N VAL A 157 23.41 1.45 42.54
CA VAL A 157 22.87 0.38 41.72
C VAL A 157 22.48 -0.82 42.57
N THR A 158 23.34 -1.21 43.51
CA THR A 158 23.10 -2.39 44.34
C THR A 158 22.48 -2.01 45.68
N ASN A 159 21.21 -1.62 45.62
CA ASN A 159 20.42 -1.33 46.81
C ASN A 159 19.14 -2.14 46.78
N ASP A 160 18.75 -2.66 47.95
CA ASP A 160 17.57 -3.53 48.03
C ASP A 160 16.29 -2.78 47.70
N ASN A 161 16.17 -1.52 48.09
CA ASN A 161 14.95 -0.74 47.88
C ASN A 161 15.26 0.48 47.04
N PRO A 162 15.13 0.41 45.71
CA PRO A 162 15.42 1.58 44.88
C PRO A 162 14.44 2.72 45.06
N ASP A 163 13.32 2.51 45.74
CA ASP A 163 12.31 3.56 45.89
C ASP A 163 12.87 4.76 46.64
N LYS A 164 13.66 4.51 47.69
CA LYS A 164 14.26 5.62 48.44
C LYS A 164 15.22 6.40 47.56
N ILE A 165 16.01 5.71 46.74
CA ILE A 165 16.96 6.38 45.84
C ILE A 165 16.20 7.23 44.83
N ILE A 166 15.11 6.69 44.28
CA ILE A 166 14.32 7.44 43.30
C ILE A 166 13.70 8.67 43.95
N ASP A 167 13.21 8.52 45.19
CA ASP A 167 12.65 9.66 45.90
C ASP A 167 13.70 10.73 46.16
N ARG A 168 14.91 10.31 46.56
CA ARG A 168 15.98 11.28 46.78
C ARG A 168 16.35 11.99 45.49
N LEU A 169 16.41 11.26 44.38
CA LEU A 169 16.71 11.89 43.09
C LEU A 169 15.62 12.88 42.69
N LYS A 170 14.35 12.53 42.96
CA LYS A 170 13.24 13.39 42.57
C LYS A 170 13.28 14.73 43.29
N ASN A 171 13.67 14.74 44.55
CA ASN A 171 13.69 15.98 45.34
C ASN A 171 14.80 16.93 44.93
N LEU A 172 15.73 16.50 44.09
CA LEU A 172 16.83 17.37 43.67
C LEU A 172 16.31 18.47 42.75
N LYS A 173 17.14 19.50 42.56
CA LYS A 173 16.82 20.56 41.64
C LYS A 173 16.83 20.04 40.20
N GLU A 174 16.06 20.71 39.34
CA GLU A 174 15.90 20.26 37.97
C GLU A 174 17.21 20.36 37.18
N GLN A 175 17.98 21.43 37.36
CA GLN A 175 19.22 21.58 36.62
C GLN A 175 20.24 20.52 37.00
N ASP A 176 20.34 20.18 38.28
CA ASP A 176 21.30 19.15 38.70
C ASP A 176 20.95 17.80 38.08
N LEU A 177 19.67 17.43 38.10
CA LEU A 177 19.25 16.18 37.48
C LEU A 177 19.47 16.18 35.97
N ASP A 178 19.19 17.31 35.31
CA ASP A 178 19.42 17.40 33.87
C ASP A 178 20.91 17.23 33.54
N GLN A 179 21.77 17.90 34.32
CA GLN A 179 23.21 17.80 34.05
C GLN A 179 23.72 16.40 34.32
N LEU A 180 23.23 15.76 35.38
CA LEU A 180 23.63 14.38 35.65
C LEU A 180 23.21 13.45 34.52
N ASN A 181 21.97 13.62 34.02
CA ASN A 181 21.51 12.82 32.90
C ASN A 181 22.38 13.04 31.67
N THR A 182 22.73 14.30 31.39
CA THR A 182 23.58 14.59 30.24
C THR A 182 24.94 13.91 30.38
N LEU A 183 25.55 14.00 31.57
CA LEU A 183 26.86 13.39 31.78
C LEU A 183 26.80 11.88 31.59
N ILE A 184 25.80 11.23 32.17
CA ILE A 184 25.73 9.76 32.08
C ILE A 184 25.46 9.34 30.64
N GLY A 185 24.56 10.03 29.94
CA GLY A 185 24.30 9.70 28.55
C GLY A 185 25.53 9.85 27.68
N ILE A 186 26.26 10.95 27.87
CA ILE A 186 27.48 11.18 27.09
C ILE A 186 28.49 10.07 27.38
N ALA A 187 28.66 9.70 28.64
CA ALA A 187 29.63 8.66 28.98
C ALA A 187 29.26 7.33 28.33
N ASN A 188 27.99 6.94 28.39
CA ASN A 188 27.58 5.67 27.80
C ASN A 188 27.77 5.69 26.28
N LEU A 189 27.35 6.78 25.63
CA LEU A 189 27.50 6.87 24.18
C LEU A 189 28.96 6.84 23.77
N LYS A 190 29.82 7.53 24.51
CA LYS A 190 31.24 7.54 24.19
C LYS A 190 31.87 6.17 24.37
N LYS A 191 31.47 5.43 25.41
CA LYS A 191 32.01 4.08 25.57
C LYS A 191 31.60 3.18 24.42
N VAL A 192 30.34 3.25 23.99
CA VAL A 192 29.89 2.43 22.87
C VAL A 192 30.64 2.81 21.60
N LEU A 193 30.82 4.11 21.36
CA LEU A 193 31.53 4.55 20.18
C LEU A 193 32.98 4.12 20.20
N SER A 194 33.61 4.13 21.38
CA SER A 194 34.98 3.66 21.49
C SER A 194 35.09 2.18 21.16
N VAL A 195 34.15 1.37 21.65
CA VAL A 195 34.15 -0.06 21.32
C VAL A 195 34.02 -0.23 19.81
N TRP A 196 33.11 0.50 19.18
CA TRP A 196 32.93 0.40 17.74
C TRP A 196 34.21 0.79 17.00
N GLU A 197 34.80 1.91 17.36
CA GLU A 197 36.02 2.36 16.68
C GLU A 197 37.15 1.36 16.85
N SER A 198 37.20 0.68 18.00
CA SER A 198 38.26 -0.30 18.22
C SER A 198 38.06 -1.57 17.42
N ASN A 199 36.82 -2.05 17.30
CA ASN A 199 36.58 -3.36 16.70
C ASN A 199 35.79 -3.32 15.40
N LYS A 200 35.93 -2.28 14.58
CA LYS A 200 35.13 -2.20 13.37
C LYS A 200 35.80 -2.78 12.14
N LEU A 201 37.06 -3.25 12.26
CA LEU A 201 37.80 -3.71 11.09
C LEU A 201 38.25 -5.16 11.16
N THR A 202 38.27 -5.77 12.34
CA THR A 202 38.83 -7.10 12.51
C THR A 202 37.79 -8.15 12.88
N ASN A 203 37.00 -7.90 13.93
CA ASN A 203 36.10 -8.92 14.45
C ASN A 203 34.96 -9.17 13.47
N THR A 204 34.72 -10.43 13.15
CA THR A 204 33.70 -10.84 12.19
C THR A 204 32.86 -11.99 12.72
N SER A 205 32.42 -11.91 13.97
CA SER A 205 31.59 -12.93 14.58
C SER A 205 30.24 -12.33 14.95
N GLU A 206 29.16 -13.03 14.62
CA GLU A 206 27.83 -12.54 14.93
C GLU A 206 27.61 -12.44 16.44
N LYS A 207 28.10 -13.42 17.19
CA LYS A 207 27.86 -13.43 18.63
C LYS A 207 28.52 -12.24 19.33
N PHE A 208 29.71 -11.84 18.87
CA PHE A 208 30.37 -10.69 19.48
C PHE A 208 29.51 -9.43 19.38
N TRP A 209 29.06 -9.11 18.16
CA TRP A 209 28.23 -7.93 17.97
C TRP A 209 26.87 -8.05 18.63
N GLN A 210 26.29 -9.25 18.65
CA GLN A 210 25.03 -9.43 19.36
C GLN A 210 25.18 -9.14 20.84
N SER A 211 26.25 -9.64 21.46
CA SER A 211 26.49 -9.35 22.87
C SER A 211 26.75 -7.86 23.09
N VAL A 212 27.54 -7.24 22.21
CA VAL A 212 27.84 -5.82 22.35
C VAL A 212 26.57 -4.99 22.31
N LEU A 213 25.66 -5.31 21.39
CA LEU A 213 24.42 -4.55 21.30
C LEU A 213 23.44 -4.90 22.42
N LYS A 214 23.50 -6.14 22.93
CA LYS A 214 22.61 -6.52 24.03
C LYS A 214 23.02 -5.84 25.33
N GLU A 215 24.31 -5.53 25.48
CA GLU A 215 24.76 -4.83 26.68
C GLU A 215 24.33 -3.36 26.70
N ASN A 216 23.78 -2.84 25.61
CA ASN A 216 23.41 -1.43 25.53
C ASN A 216 21.99 -1.25 25.03
N THR A 217 21.04 -1.98 25.62
CA THR A 217 19.65 -1.92 25.16
C THR A 217 19.02 -0.55 25.37
N TRP A 218 19.49 0.23 26.34
CA TRP A 218 18.94 1.56 26.55
C TRP A 218 19.19 2.47 25.35
N ILE A 219 20.39 2.42 24.78
CA ILE A 219 20.69 3.23 23.60
C ILE A 219 19.84 2.79 22.42
N LEU A 220 19.65 1.49 22.24
CA LEU A 220 18.80 1.01 21.16
C LEU A 220 17.36 1.47 21.33
N SER A 221 16.85 1.41 22.57
CA SER A 221 15.49 1.89 22.82
C SER A 221 15.36 3.38 22.55
N GLN A 222 16.38 4.16 22.91
CA GLN A 222 16.35 5.59 22.62
C GLN A 222 16.41 5.86 21.12
N ILE A 223 17.21 5.11 20.38
CA ILE A 223 17.33 5.32 18.94
C ILE A 223 16.06 4.93 18.21
N PHE A 224 15.45 3.80 18.57
CA PHE A 224 14.26 3.31 17.88
C PHE A 224 12.96 3.71 18.57
N SER A 225 13.02 4.43 19.68
CA SER A 225 11.85 5.00 20.34
C SER A 225 10.83 3.92 20.72
N ASN A 226 11.28 2.95 21.51
CA ASN A 226 10.41 1.93 22.05
C ASN A 226 11.02 1.33 23.31
N PRO A 227 10.32 1.39 24.44
CA PRO A 227 10.90 0.87 25.69
C PRO A 227 11.11 -0.63 25.72
N THR A 228 10.47 -1.39 24.84
CA THR A 228 10.57 -2.84 24.84
C THR A 228 11.35 -3.29 23.62
N VAL A 229 12.41 -4.07 23.84
CA VAL A 229 13.28 -4.55 22.78
C VAL A 229 13.38 -6.07 22.90
N LEU A 230 13.19 -6.77 21.79
CA LEU A 230 13.24 -8.23 21.75
C LEU A 230 14.44 -8.67 20.92
N ILE A 231 15.33 -9.44 21.53
CA ILE A 231 16.54 -9.94 20.87
C ILE A 231 16.69 -11.40 21.23
N ASN A 232 16.50 -12.29 20.24
CA ASN A 232 16.70 -13.74 20.40
C ASN A 232 15.82 -14.30 21.52
N ASP A 233 14.51 -14.12 21.39
CA ASP A 233 13.52 -14.63 22.33
C ASP A 233 13.75 -14.12 23.75
N GLU A 234 14.24 -12.89 23.90
CA GLU A 234 14.43 -12.28 25.21
C GLU A 234 13.89 -10.86 25.17
N ALA A 235 13.48 -10.37 26.34
CA ALA A 235 12.90 -9.03 26.45
C ALA A 235 13.74 -8.19 27.39
N TYR A 236 14.00 -6.95 26.98
CA TYR A 236 14.76 -6.00 27.78
C TYR A 236 13.94 -4.73 27.93
N VAL A 237 13.60 -4.39 29.17
CA VAL A 237 12.86 -3.15 29.44
C VAL A 237 13.77 -2.12 30.08
N GLY A 238 14.38 -1.27 29.25
CA GLY A 238 15.18 -0.19 29.75
C GLY A 238 16.44 -0.58 30.49
N GLY A 239 17.09 -1.67 30.09
CA GLY A 239 18.37 -2.02 30.67
C GLY A 239 18.44 -3.39 31.31
N LYS A 240 17.30 -3.90 31.77
CA LYS A 240 17.27 -5.16 32.49
C LYS A 240 16.49 -6.20 31.70
N THR A 241 16.90 -7.46 31.85
CA THR A 241 16.24 -8.57 31.19
C THR A 241 14.91 -8.87 31.88
N VAL A 242 13.90 -9.20 31.10
CA VAL A 242 12.59 -9.56 31.62
C VAL A 242 12.60 -11.05 31.95
N LYS A 243 12.40 -11.38 33.22
CA LYS A 243 12.36 -12.76 33.66
C LYS A 243 10.91 -13.17 33.86
N ASN A 244 10.49 -14.22 33.15
CA ASN A 244 9.12 -14.71 33.19
C ASN A 244 9.04 -15.97 34.03
N ASP A 245 8.23 -15.92 35.08
CA ASP A 245 7.97 -17.12 35.87
C ASP A 245 7.24 -18.17 35.05
N SER A 246 6.29 -17.75 34.23
CA SER A 246 5.58 -18.69 33.36
C SER A 246 6.47 -19.21 32.25
N GLY A 247 7.55 -18.49 31.93
CA GLY A 247 8.44 -18.90 30.87
C GLY A 247 7.97 -18.57 29.47
N LYS A 248 6.85 -17.86 29.33
CA LYS A 248 6.28 -17.50 28.05
C LYS A 248 6.41 -16.00 27.85
N LEU A 249 7.00 -15.58 26.73
CA LEU A 249 7.15 -14.16 26.44
C LEU A 249 5.82 -13.52 26.06
N VAL A 250 4.92 -14.27 25.42
CA VAL A 250 3.63 -13.73 25.02
C VAL A 250 2.79 -13.37 26.25
N ASP A 251 2.94 -14.14 27.33
CA ASP A 251 2.24 -13.80 28.57
C ASP A 251 2.71 -12.46 29.11
N PHE A 252 4.02 -12.20 29.05
CA PHE A 252 4.53 -10.88 29.47
C PHE A 252 4.02 -9.78 28.55
N LEU A 253 4.02 -10.03 27.24
CA LEU A 253 3.56 -9.00 26.31
C LEU A 253 2.07 -8.73 26.45
N TYR A 254 1.30 -9.72 26.91
CA TYR A 254 -0.15 -9.54 27.01
C TYR A 254 -0.53 -8.63 28.16
N ALA A 255 0.21 -8.68 29.27
CA ALA A 255 -0.08 -7.85 30.43
C ALA A 255 0.76 -6.59 30.48
N ASN A 256 1.30 -6.14 29.36
CA ASN A 256 2.15 -4.96 29.33
C ASN A 256 1.33 -3.72 29.66
N PRO A 257 1.75 -2.91 30.64
CA PRO A 257 0.93 -1.74 31.00
C PRO A 257 1.02 -0.61 29.98
N PHE A 258 2.17 -0.41 29.34
CA PHE A 258 2.35 0.73 28.45
C PHE A 258 1.73 0.47 27.08
N SER A 259 2.25 -0.53 26.37
CA SER A 259 1.73 -0.88 25.05
C SER A 259 2.14 -2.31 24.74
N LYS A 260 1.43 -2.91 23.78
CA LYS A 260 1.70 -4.30 23.41
C LYS A 260 2.55 -4.43 22.16
N ASP A 261 3.02 -3.32 21.61
CA ASP A 261 3.90 -3.36 20.45
C ASP A 261 5.36 -3.24 20.91
N ALA A 262 6.21 -4.08 20.34
CA ALA A 262 7.62 -4.09 20.68
C ALA A 262 8.44 -3.97 19.39
N VAL A 263 9.76 -4.05 19.53
CA VAL A 263 10.68 -3.96 18.40
C VAL A 263 11.48 -5.26 18.32
N LEU A 264 11.46 -5.88 17.15
CA LEU A 264 12.24 -7.09 16.88
C LEU A 264 13.50 -6.70 16.14
N ILE A 265 14.65 -7.03 16.70
CA ILE A 265 15.94 -6.63 16.16
C ILE A 265 16.73 -7.88 15.77
N GLU A 266 17.22 -7.89 14.54
CA GLU A 266 18.09 -8.94 14.02
C GLU A 266 19.46 -8.34 13.75
N ILE A 267 20.49 -8.93 14.35
CA ILE A 267 21.83 -8.38 14.32
C ILE A 267 22.75 -9.31 13.54
N LYS A 268 23.45 -8.77 12.56
CA LYS A 268 24.44 -9.50 11.77
C LYS A 268 25.80 -8.84 11.94
N THR A 269 26.77 -9.32 11.17
CA THR A 269 28.11 -8.77 11.20
C THR A 269 28.21 -7.59 10.24
N PRO A 270 29.15 -6.67 10.48
CA PRO A 270 29.35 -5.55 9.54
C PRO A 270 30.01 -5.96 8.23
N SER A 271 30.39 -7.23 8.08
CA SER A 271 30.99 -7.73 6.86
C SER A 271 30.00 -8.53 6.01
N THR A 272 28.73 -8.43 6.32
CA THR A 272 27.71 -9.13 5.54
C THR A 272 27.56 -8.48 4.17
N PRO A 273 27.67 -9.25 3.08
CA PRO A 273 27.47 -8.66 1.75
C PRO A 273 26.05 -8.14 1.58
N LEU A 274 25.92 -7.06 0.81
CA LEU A 274 24.63 -6.43 0.58
C LEU A 274 24.01 -6.78 -0.77
N ILE A 275 24.80 -6.81 -1.83
CA ILE A 275 24.28 -7.11 -3.16
C ILE A 275 25.10 -8.22 -3.79
N THR A 276 24.48 -8.92 -4.73
CA THR A 276 25.16 -9.98 -5.46
C THR A 276 26.23 -9.37 -6.36
N PRO A 277 27.46 -9.88 -6.35
CA PRO A 277 28.53 -9.28 -7.17
C PRO A 277 28.22 -9.24 -8.66
N THR A 278 27.83 -10.38 -9.24
CA THR A 278 27.51 -10.42 -10.66
C THR A 278 26.17 -9.75 -10.93
N GLU A 279 26.15 -8.91 -11.96
CA GLU A 279 24.96 -8.14 -12.28
C GLU A 279 23.91 -9.01 -12.96
N TYR A 280 22.65 -8.73 -12.64
CA TYR A 280 21.54 -9.41 -13.29
C TYR A 280 21.50 -9.02 -14.76
N ARG A 281 21.45 -7.72 -15.02
CA ARG A 281 21.55 -7.14 -16.35
C ARG A 281 22.41 -5.87 -16.27
N THR A 282 22.44 -5.11 -17.36
CA THR A 282 23.26 -3.91 -17.41
C THR A 282 22.74 -2.87 -16.45
N GLY A 283 23.48 -2.61 -15.37
CA GLY A 283 23.11 -1.62 -14.39
C GLY A 283 22.11 -2.07 -13.36
N VAL A 284 21.77 -3.36 -13.31
CA VAL A 284 20.80 -3.90 -12.37
C VAL A 284 21.49 -4.98 -11.54
N TYR A 285 21.37 -4.87 -10.22
CA TYR A 285 21.94 -5.83 -9.29
C TYR A 285 20.85 -6.34 -8.35
N SER A 286 20.94 -7.60 -7.96
CA SER A 286 20.00 -8.20 -7.02
C SER A 286 20.64 -8.29 -5.63
N ALA A 287 19.79 -8.21 -4.62
CA ALA A 287 20.25 -8.24 -3.24
C ALA A 287 20.81 -9.61 -2.90
N HIS A 288 21.74 -9.64 -1.95
CA HIS A 288 22.40 -10.86 -1.53
C HIS A 288 21.46 -11.71 -0.69
N LYS A 289 21.69 -13.02 -0.70
CA LYS A 289 20.78 -13.95 -0.05
C LYS A 289 20.85 -13.89 1.48
N ASP A 290 21.95 -13.41 2.05
CA ASP A 290 22.03 -13.27 3.50
C ASP A 290 21.00 -12.26 4.02
N LEU A 291 20.89 -11.12 3.34
CA LEU A 291 19.93 -10.09 3.74
C LEU A 291 18.49 -10.60 3.64
N THR A 292 18.17 -11.29 2.54
CA THR A 292 16.83 -11.84 2.37
C THR A 292 16.53 -12.91 3.41
N GLY A 293 17.51 -13.76 3.72
CA GLY A 293 17.31 -14.74 4.77
C GLY A 293 17.05 -14.11 6.12
N ALA A 294 17.78 -13.05 6.45
CA ALA A 294 17.55 -12.36 7.71
C ALA A 294 16.15 -11.75 7.76
N VAL A 295 15.73 -11.11 6.66
CA VAL A 295 14.39 -10.53 6.63
C VAL A 295 13.32 -11.61 6.80
N THR A 296 13.48 -12.74 6.13
CA THR A 296 12.53 -13.84 6.26
C THR A 296 12.50 -14.38 7.69
N GLN A 297 13.66 -14.48 8.34
CA GLN A 297 13.68 -14.95 9.72
C GLN A 297 12.91 -14.02 10.64
N VAL A 298 13.12 -12.71 10.48
CA VAL A 298 12.40 -11.75 11.33
C VAL A 298 10.90 -11.84 11.08
N LEU A 299 10.49 -11.96 9.82
CA LEU A 299 9.07 -12.07 9.52
C LEU A 299 8.48 -13.34 10.11
N THR A 300 9.21 -14.46 10.05
CA THR A 300 8.71 -15.70 10.65
C THR A 300 8.51 -15.53 12.16
N TYR A 301 9.48 -14.92 12.84
CA TYR A 301 9.33 -14.72 14.28
C TYR A 301 8.13 -13.83 14.60
N LYS A 302 7.94 -12.77 13.82
CA LYS A 302 6.80 -11.88 14.06
C LYS A 302 5.48 -12.63 13.86
N THR A 303 5.40 -13.46 12.81
CA THR A 303 4.18 -14.22 12.56
C THR A 303 3.87 -15.18 13.71
N THR A 304 4.91 -15.85 14.23
CA THR A 304 4.70 -16.73 15.37
C THR A 304 4.18 -15.97 16.58
N LEU A 305 4.76 -14.80 16.86
CA LEU A 305 4.27 -14.00 17.98
C LEU A 305 2.81 -13.61 17.81
N GLN A 306 2.45 -13.17 16.59
CA GLN A 306 1.07 -12.75 16.35
C GLN A 306 0.10 -13.91 16.53
N ARG A 307 0.46 -15.09 16.02
CA ARG A 307 -0.43 -16.25 16.16
C ARG A 307 -0.60 -16.65 17.63
N GLU A 308 0.49 -16.63 18.41
CA GLU A 308 0.34 -16.97 19.82
C GLU A 308 -0.52 -15.95 20.58
N TYR A 309 -0.36 -14.66 20.25
CA TYR A 309 -1.21 -13.65 20.86
C TYR A 309 -2.68 -13.88 20.49
N GLN A 310 -2.96 -14.25 19.24
CA GLN A 310 -4.32 -14.54 18.83
C GLN A 310 -4.88 -15.73 19.59
N ASN A 311 -4.05 -16.75 19.83
CA ASN A 311 -4.49 -17.90 20.62
C ASN A 311 -4.88 -17.46 22.03
N ILE A 312 -4.07 -16.62 22.65
CA ILE A 312 -4.40 -16.14 24.00
C ILE A 312 -5.70 -15.36 23.99
N ASP A 313 -5.89 -14.49 22.99
CA ASP A 313 -7.09 -13.68 22.92
C ASP A 313 -8.33 -14.55 22.77
N TYR A 314 -8.26 -15.57 21.90
CA TYR A 314 -9.42 -16.44 21.71
C TYR A 314 -9.70 -17.27 22.95
N ASN A 315 -8.66 -17.70 23.66
CA ASN A 315 -8.87 -18.42 24.91
C ASN A 315 -9.60 -17.53 25.92
N ASN A 316 -9.18 -16.26 26.03
CA ASN A 316 -9.85 -15.35 26.95
C ASN A 316 -11.30 -15.11 26.53
N TYR A 317 -11.55 -14.97 25.23
CA TYR A 317 -12.93 -14.78 24.76
C TYR A 317 -13.80 -15.98 25.09
N ARG A 318 -13.28 -17.19 24.88
CA ARG A 318 -14.04 -18.39 25.19
C ARG A 318 -14.27 -18.51 26.69
N GLN A 319 -13.32 -18.03 27.49
CA GLN A 319 -13.51 -18.07 28.95
C GLN A 319 -14.71 -17.24 29.39
N GLY A 320 -14.88 -16.07 28.78
CA GLY A 320 -16.03 -15.23 29.10
C GLY A 320 -15.72 -13.74 29.14
N ILE A 321 -14.44 -13.40 29.21
CA ILE A 321 -14.05 -12.00 29.28
C ILE A 321 -14.25 -11.35 27.91
N LYS A 322 -14.77 -10.12 27.93
CA LYS A 322 -14.98 -9.38 26.69
C LYS A 322 -13.62 -8.98 26.10
N THR A 323 -13.42 -9.30 24.83
CA THR A 323 -12.15 -9.08 24.16
C THR A 323 -12.36 -8.46 22.78
N ASP A 324 -11.34 -7.73 22.32
CA ASP A 324 -11.29 -7.24 20.95
C ASP A 324 -10.26 -8.05 20.19
N PHE A 325 -10.58 -8.39 18.94
CA PHE A 325 -9.78 -9.32 18.14
C PHE A 325 -8.84 -8.60 17.19
N ASP A 326 -8.31 -7.45 17.59
CA ASP A 326 -7.33 -6.76 16.78
C ASP A 326 -5.97 -7.45 16.86
N ILE A 327 -5.22 -7.36 15.77
CA ILE A 327 -3.92 -8.02 15.65
C ILE A 327 -2.83 -7.02 15.99
N ILE A 328 -1.88 -7.46 16.80
CA ILE A 328 -0.75 -6.62 17.21
C ILE A 328 0.27 -6.56 16.08
N THR A 329 0.92 -5.41 15.93
CA THR A 329 1.84 -5.21 14.84
C THR A 329 3.18 -4.67 15.37
N PRO A 330 4.11 -5.53 15.76
CA PRO A 330 5.43 -5.05 16.16
C PRO A 330 6.27 -4.64 14.95
N CYS A 331 7.35 -3.91 15.25
CA CYS A 331 8.24 -3.38 14.22
C CYS A 331 9.48 -4.24 14.09
N CYS A 332 10.00 -4.34 12.87
CA CYS A 332 11.12 -5.23 12.55
C CYS A 332 12.30 -4.45 12.02
N VAL A 333 13.47 -4.71 12.60
CA VAL A 333 14.71 -4.03 12.23
C VAL A 333 15.80 -5.08 11.99
N VAL A 334 16.56 -4.89 10.92
CA VAL A 334 17.67 -5.77 10.56
C VAL A 334 18.90 -4.90 10.37
N ILE A 335 19.98 -5.26 11.05
CA ILE A 335 21.23 -4.49 11.00
C ILE A 335 22.20 -5.21 10.07
N ALA A 336 22.36 -4.65 8.88
CA ALA A 336 23.14 -5.26 7.80
C ALA A 336 24.59 -4.78 7.92
N GLY A 337 25.43 -4.92 6.90
CA GLY A 337 26.85 -4.64 7.04
C GLY A 337 27.26 -3.20 6.83
N MET A 338 28.06 -2.94 5.80
CA MET A 338 28.63 -1.62 5.57
C MET A 338 28.02 -0.98 4.32
N PHE A 339 27.78 0.32 4.41
CA PHE A 339 27.22 1.07 3.29
C PHE A 339 28.29 1.65 2.37
N ASP A 340 29.52 1.80 2.85
CA ASP A 340 30.57 2.39 2.03
C ASP A 340 31.15 1.43 1.00
N THR A 341 30.76 0.16 1.04
CA THR A 341 31.19 -0.79 0.02
C THR A 341 30.47 -0.60 -1.30
N LEU A 342 29.40 0.19 -1.33
CA LEU A 342 28.69 0.50 -2.56
C LEU A 342 29.37 1.72 -3.18
N THR A 343 30.31 1.47 -4.09
CA THR A 343 31.17 2.53 -4.61
C THR A 343 30.61 3.25 -5.83
N ASP A 344 29.94 2.54 -6.73
CA ASP A 344 29.43 3.14 -7.96
C ASP A 344 27.92 3.33 -7.85
N THR A 345 27.39 4.11 -8.80
CA THR A 345 25.99 4.53 -8.73
C THR A 345 25.03 3.36 -8.81
N ALA A 346 25.33 2.37 -9.65
CA ALA A 346 24.41 1.24 -9.84
C ALA A 346 24.19 0.45 -8.56
N HIS A 347 25.25 0.21 -7.79
CA HIS A 347 25.11 -0.52 -6.54
C HIS A 347 24.18 0.20 -5.56
N ARG A 348 24.41 1.50 -5.37
CA ARG A 348 23.57 2.28 -4.47
C ARG A 348 22.14 2.34 -4.97
N HIS A 349 21.95 2.51 -6.27
CA HIS A 349 20.59 2.55 -6.82
C HIS A 349 19.85 1.24 -6.58
N SER A 350 20.50 0.10 -6.84
CA SER A 350 19.85 -1.19 -6.62
C SER A 350 19.56 -1.42 -5.14
N PHE A 351 20.51 -1.08 -4.27
CA PHE A 351 20.29 -1.29 -2.84
C PHE A 351 19.15 -0.43 -2.32
N GLU A 352 19.08 0.84 -2.75
CA GLU A 352 17.99 1.70 -2.32
C GLU A 352 16.65 1.22 -2.86
N LEU A 353 16.63 0.76 -4.11
CA LEU A 353 15.38 0.23 -4.67
C LEU A 353 14.90 -0.97 -3.89
N TYR A 354 15.82 -1.88 -3.51
CA TYR A 354 15.41 -3.02 -2.70
C TYR A 354 14.95 -2.59 -1.31
N ARG A 355 15.69 -1.69 -0.67
CA ARG A 355 15.40 -1.34 0.71
C ARG A 355 14.09 -0.55 0.85
N LYS A 356 13.79 0.32 -0.10
CA LYS A 356 12.60 1.16 0.01
C LYS A 356 11.33 0.44 -0.38
N GLU A 357 11.42 -0.79 -0.87
CA GLU A 357 10.25 -1.57 -1.26
C GLU A 357 9.64 -2.36 -0.11
N LEU A 358 10.42 -2.64 0.94
CA LEU A 358 9.92 -3.39 2.07
C LEU A 358 8.80 -2.62 2.78
N LYS A 359 7.79 -3.35 3.23
CA LYS A 359 6.60 -2.74 3.79
C LYS A 359 6.70 -2.50 5.30
N ASN A 360 7.19 -3.50 6.04
CA ASN A 360 7.21 -3.42 7.49
C ASN A 360 8.60 -3.60 8.09
N VAL A 361 9.62 -3.83 7.28
CA VAL A 361 10.96 -4.09 7.77
C VAL A 361 11.85 -2.89 7.48
N THR A 362 12.74 -2.59 8.43
CA THR A 362 13.74 -1.54 8.29
C THR A 362 15.11 -2.19 8.21
N VAL A 363 15.95 -1.71 7.29
CA VAL A 363 17.30 -2.22 7.10
C VAL A 363 18.27 -1.09 7.38
N ILE A 364 19.18 -1.32 8.34
CA ILE A 364 20.16 -0.32 8.75
C ILE A 364 21.54 -0.95 8.67
N THR A 365 22.52 -0.16 8.23
CA THR A 365 23.91 -0.59 8.28
C THR A 365 24.56 -0.09 9.57
N PHE A 366 25.71 -0.69 9.91
CA PHE A 366 26.44 -0.25 11.09
C PHE A 366 26.94 1.19 10.94
N ASP A 367 27.31 1.57 9.72
CA ASP A 367 27.76 2.95 9.48
C ASP A 367 26.69 3.94 9.90
N GLU A 368 25.45 3.74 9.47
CA GLU A 368 24.38 4.68 9.79
C GLU A 368 24.04 4.65 11.28
N LEU A 369 24.05 3.47 11.89
CA LEU A 369 23.76 3.37 13.32
C LEU A 369 24.77 4.16 14.13
N PHE A 370 26.06 4.00 13.85
CA PHE A 370 27.03 4.74 14.64
C PHE A 370 27.18 6.19 14.18
N GLU A 371 26.71 6.53 12.98
CA GLU A 371 26.53 7.93 12.63
C GLU A 371 25.46 8.57 13.50
N ARG A 372 24.37 7.84 13.75
CA ARG A 372 23.36 8.34 14.69
C ARG A 372 23.93 8.49 16.09
N VAL A 373 24.76 7.52 16.51
CA VAL A 373 25.41 7.62 17.81
C VAL A 373 26.29 8.86 17.89
N LYS A 374 27.09 9.11 16.86
CA LYS A 374 27.94 10.31 16.82
C LYS A 374 27.11 11.58 16.85
N GLY A 375 26.00 11.59 16.10
CA GLY A 375 25.12 12.74 16.13
C GLY A 375 24.52 13.02 17.48
N LEU A 376 24.11 11.96 18.20
CA LEU A 376 23.62 12.14 19.56
C LEU A 376 24.70 12.68 20.48
N ILE A 377 25.92 12.16 20.35
CA ILE A 377 27.02 12.68 21.17
C ILE A 377 27.25 14.15 20.89
N LYS A 378 27.24 14.54 19.61
CA LYS A 378 27.45 15.94 19.25
C LYS A 378 26.32 16.82 19.76
N LEU A 379 25.07 16.35 19.70
CA LEU A 379 23.94 17.12 20.20
C LEU A 379 24.00 17.31 21.71
N LEU A 380 24.38 16.27 22.45
CA LEU A 380 24.40 16.37 23.91
C LEU A 380 25.47 17.32 24.43
N GLU A 381 26.40 17.76 23.59
CA GLU A 381 27.43 18.71 24.01
C GLU A 381 27.07 20.13 23.58
N GLU B 124 -24.15 -6.13 -58.34
CA GLU B 124 -25.50 -5.61 -58.54
C GLU B 124 -26.49 -6.75 -58.77
N LYS B 125 -26.22 -7.56 -59.80
CA LYS B 125 -27.06 -8.72 -60.06
C LYS B 125 -27.03 -9.69 -58.87
N LEU B 126 -25.88 -9.78 -58.20
CA LEU B 126 -25.78 -10.63 -57.01
C LEU B 126 -26.74 -10.19 -55.93
N ILE B 127 -26.83 -8.88 -55.70
CA ILE B 127 -27.76 -8.35 -54.71
C ILE B 127 -29.21 -8.61 -55.13
N GLU B 128 -29.49 -8.49 -56.43
CA GLU B 128 -30.82 -8.77 -56.93
C GLU B 128 -31.21 -10.22 -56.67
N MET B 129 -30.27 -11.14 -56.91
CA MET B 129 -30.54 -12.55 -56.61
C MET B 129 -30.71 -12.78 -55.11
N PHE B 130 -29.89 -12.13 -54.29
CA PHE B 130 -29.96 -12.34 -52.85
C PHE B 130 -31.23 -11.75 -52.25
N GLU B 131 -31.83 -10.75 -52.89
CA GLU B 131 -33.08 -10.19 -52.38
C GLU B 131 -34.23 -11.16 -52.57
N SER B 132 -34.07 -12.12 -53.49
CA SER B 132 -35.16 -13.05 -53.80
C SER B 132 -35.05 -14.36 -53.04
N ASN B 133 -33.99 -14.51 -52.23
CA ASN B 133 -33.77 -15.77 -51.51
C ASN B 133 -32.98 -15.51 -50.23
N THR B 134 -33.37 -16.22 -49.17
CA THR B 134 -32.60 -16.23 -47.93
C THR B 134 -31.81 -17.52 -47.75
N ASP B 135 -32.34 -18.64 -48.24
CA ASP B 135 -31.62 -19.91 -48.17
C ASP B 135 -30.28 -19.85 -48.89
N LEU B 136 -30.15 -19.03 -49.93
CA LEU B 136 -28.87 -18.89 -50.60
C LEU B 136 -27.80 -18.39 -49.63
N LEU B 137 -28.08 -17.28 -48.95
CA LEU B 137 -27.11 -16.74 -47.98
C LEU B 137 -26.91 -17.70 -46.81
N THR B 138 -27.99 -18.32 -46.33
CA THR B 138 -27.87 -19.24 -45.21
C THR B 138 -26.95 -20.41 -45.56
N GLN B 139 -27.15 -21.01 -46.74
CA GLN B 139 -26.32 -22.14 -47.16
C GLN B 139 -24.89 -21.70 -47.47
N LEU B 140 -24.73 -20.49 -48.02
CA LEU B 140 -23.39 -19.97 -48.26
C LEU B 140 -22.62 -19.85 -46.96
N MET B 141 -23.27 -19.37 -45.91
CA MET B 141 -22.62 -19.29 -44.61
C MET B 141 -22.39 -20.68 -44.02
N GLU B 142 -23.33 -21.60 -44.24
CA GLU B 142 -23.21 -22.93 -43.66
C GLU B 142 -22.09 -23.74 -44.32
N ASP B 143 -21.87 -23.56 -45.62
CA ASP B 143 -20.88 -24.36 -46.33
C ASP B 143 -19.47 -24.03 -45.84
N ASP B 144 -18.71 -25.09 -45.53
CA ASP B 144 -17.35 -24.91 -45.04
C ASP B 144 -16.39 -24.56 -46.16
N LYS B 145 -16.62 -25.10 -47.35
CA LYS B 145 -15.71 -24.85 -48.48
C LYS B 145 -15.72 -23.37 -48.87
N SER B 146 -16.89 -22.73 -48.77
CA SER B 146 -16.99 -21.32 -49.17
C SER B 146 -16.12 -20.42 -48.31
N GLU B 147 -16.07 -20.70 -47.00
CA GLU B 147 -15.33 -19.88 -46.04
C GLU B 147 -15.83 -18.44 -46.03
N ALA B 148 -17.13 -18.24 -46.23
CA ALA B 148 -17.69 -16.89 -46.26
C ALA B 148 -17.57 -16.22 -44.90
N LEU B 149 -17.76 -16.99 -43.82
CA LEU B 149 -17.73 -16.43 -42.48
C LEU B 149 -16.37 -15.83 -42.14
N GLU B 150 -15.30 -16.57 -42.41
CA GLU B 150 -13.96 -16.09 -42.09
C GLU B 150 -13.59 -14.88 -42.94
N LYS B 151 -13.96 -14.90 -44.22
CA LYS B 151 -13.69 -13.75 -45.08
C LYS B 151 -14.46 -12.52 -44.60
N THR B 152 -15.71 -12.70 -44.18
CA THR B 152 -16.50 -11.59 -43.66
C THR B 152 -15.86 -11.02 -42.40
N LEU B 153 -15.42 -11.88 -41.50
CA LEU B 153 -14.78 -11.40 -40.28
C LEU B 153 -13.47 -10.68 -40.57
N GLU B 154 -12.68 -11.19 -41.51
CA GLU B 154 -11.45 -10.50 -41.89
C GLU B 154 -11.73 -9.16 -42.55
N TRP B 155 -12.78 -9.07 -43.36
CA TRP B 155 -13.17 -7.78 -43.93
C TRP B 155 -13.60 -6.81 -42.84
N ILE B 156 -14.31 -7.30 -41.82
CA ILE B 156 -14.68 -6.45 -40.69
C ILE B 156 -13.43 -5.94 -39.98
N VAL B 157 -12.47 -6.83 -39.73
CA VAL B 157 -11.27 -6.44 -38.99
C VAL B 157 -10.43 -5.45 -39.77
N THR B 158 -10.24 -5.68 -41.07
CA THR B 158 -9.30 -4.90 -41.87
C THR B 158 -9.96 -3.75 -42.63
N ASN B 159 -11.22 -3.45 -42.36
CA ASN B 159 -11.88 -2.36 -43.06
C ASN B 159 -11.26 -1.02 -42.68
N ASP B 160 -11.39 -0.04 -43.57
CA ASP B 160 -10.81 1.28 -43.38
C ASP B 160 -11.76 2.28 -42.71
N ASN B 161 -12.99 1.88 -42.42
CA ASN B 161 -13.97 2.77 -41.79
C ASN B 161 -14.53 2.10 -40.55
N PRO B 162 -13.75 2.07 -39.45
CA PRO B 162 -14.27 1.46 -38.22
C PRO B 162 -15.51 2.16 -37.67
N ASP B 163 -15.68 3.45 -37.98
CA ASP B 163 -16.82 4.18 -37.44
C ASP B 163 -18.14 3.62 -37.95
N LYS B 164 -18.23 3.33 -39.24
CA LYS B 164 -19.46 2.78 -39.81
C LYS B 164 -19.76 1.41 -39.24
N ILE B 165 -18.72 0.57 -39.08
CA ILE B 165 -18.92 -0.76 -38.53
C ILE B 165 -19.41 -0.67 -37.09
N ILE B 166 -18.81 0.23 -36.31
CA ILE B 166 -19.24 0.39 -34.92
C ILE B 166 -20.67 0.90 -34.85
N ASP B 167 -21.03 1.82 -35.75
CA ASP B 167 -22.41 2.31 -35.79
C ASP B 167 -23.39 1.20 -36.13
N ARG B 168 -23.02 0.33 -37.07
CA ARG B 168 -23.87 -0.82 -37.40
C ARG B 168 -24.00 -1.76 -36.22
N LEU B 169 -22.90 -2.02 -35.52
CA LEU B 169 -22.93 -2.94 -34.37
C LEU B 169 -23.79 -2.37 -33.24
N LYS B 170 -23.73 -1.05 -33.03
CA LYS B 170 -24.46 -0.44 -31.94
C LYS B 170 -25.97 -0.61 -32.11
N ASN B 171 -26.45 -0.65 -33.36
CA ASN B 171 -27.87 -0.71 -33.63
C ASN B 171 -28.46 -2.11 -33.44
N LEU B 172 -27.64 -3.12 -33.18
CA LEU B 172 -28.15 -4.46 -32.94
C LEU B 172 -28.84 -4.53 -31.58
N LYS B 173 -29.59 -5.61 -31.37
CA LYS B 173 -30.18 -5.86 -30.06
C LYS B 173 -29.11 -6.18 -29.04
N GLU B 174 -29.41 -5.94 -27.78
CA GLU B 174 -28.46 -6.22 -26.72
C GLU B 174 -28.15 -7.70 -26.58
N GLN B 175 -29.17 -8.56 -26.76
CA GLN B 175 -28.94 -10.00 -26.66
C GLN B 175 -27.98 -10.51 -27.72
N ASP B 176 -28.15 -10.06 -28.97
CA ASP B 176 -27.26 -10.51 -30.03
C ASP B 176 -25.84 -10.05 -29.80
N LEU B 177 -25.66 -8.78 -29.41
CA LEU B 177 -24.33 -8.27 -29.16
C LEU B 177 -23.66 -9.00 -28.00
N ASP B 178 -24.40 -9.25 -26.92
CA ASP B 178 -23.84 -9.99 -25.79
C ASP B 178 -23.47 -11.41 -26.18
N GLN B 179 -24.31 -12.08 -26.97
CA GLN B 179 -23.99 -13.43 -27.41
C GLN B 179 -22.74 -13.45 -28.27
N LEU B 180 -22.62 -12.49 -29.20
CA LEU B 180 -21.44 -12.42 -30.04
C LEU B 180 -20.18 -12.18 -29.21
N ASN B 181 -20.26 -11.26 -28.25
CA ASN B 181 -19.13 -11.01 -27.36
C ASN B 181 -18.75 -12.25 -26.58
N THR B 182 -19.74 -12.98 -26.06
CA THR B 182 -19.44 -14.21 -25.32
C THR B 182 -18.74 -15.24 -26.19
N LEU B 183 -19.24 -15.45 -27.41
CA LEU B 183 -18.63 -16.43 -28.31
C LEU B 183 -17.19 -16.05 -28.62
N ILE B 184 -16.94 -14.79 -28.95
CA ILE B 184 -15.58 -14.37 -29.32
C ILE B 184 -14.64 -14.49 -28.12
N GLY B 185 -15.10 -14.07 -26.94
CA GLY B 185 -14.26 -14.20 -25.75
C GLY B 185 -13.93 -15.64 -25.44
N ILE B 186 -14.90 -16.53 -25.54
CA ILE B 186 -14.65 -17.94 -25.30
C ILE B 186 -13.63 -18.49 -26.29
N ALA B 187 -13.77 -18.14 -27.57
CA ALA B 187 -12.83 -18.63 -28.57
C ALA B 187 -11.41 -18.16 -28.27
N ASN B 188 -11.25 -16.88 -27.94
CA ASN B 188 -9.92 -16.35 -27.67
C ASN B 188 -9.29 -17.01 -26.44
N LEU B 189 -10.07 -17.13 -25.37
CA LEU B 189 -9.55 -17.75 -24.15
C LEU B 189 -9.17 -19.21 -24.38
N LYS B 190 -10.00 -19.94 -25.13
CA LYS B 190 -9.69 -21.33 -25.42
C LYS B 190 -8.44 -21.46 -26.26
N LYS B 191 -8.23 -20.57 -27.23
CA LYS B 191 -7.01 -20.62 -28.02
C LYS B 191 -5.77 -20.41 -27.14
N VAL B 192 -5.81 -19.42 -26.25
CA VAL B 192 -4.67 -19.18 -25.37
C VAL B 192 -4.42 -20.38 -24.47
N LEU B 193 -5.49 -20.95 -23.91
CA LEU B 193 -5.33 -22.11 -23.03
C LEU B 193 -4.76 -23.30 -23.78
N SER B 194 -5.18 -23.52 -25.03
CA SER B 194 -4.62 -24.61 -25.81
C SER B 194 -3.13 -24.40 -26.06
N VAL B 195 -2.73 -23.17 -26.35
CA VAL B 195 -1.31 -22.89 -26.53
C VAL B 195 -0.52 -23.24 -25.27
N TRP B 196 -1.01 -22.79 -24.11
CA TRP B 196 -0.30 -23.07 -22.87
C TRP B 196 -0.24 -24.56 -22.59
N GLU B 197 -1.36 -25.27 -22.79
CA GLU B 197 -1.37 -26.71 -22.56
C GLU B 197 -0.40 -27.43 -23.47
N SER B 198 -0.23 -26.94 -24.70
CA SER B 198 0.71 -27.57 -25.62
C SER B 198 2.16 -27.32 -25.22
N ASN B 199 2.49 -26.11 -24.77
CA ASN B 199 3.89 -25.73 -24.60
C ASN B 199 4.31 -25.50 -23.15
N LYS B 200 3.65 -26.09 -22.17
CA LYS B 200 3.97 -25.80 -20.78
C LYS B 200 5.09 -26.67 -20.21
N LEU B 201 5.46 -27.76 -20.88
CA LEU B 201 6.44 -28.70 -20.33
C LEU B 201 7.75 -28.73 -21.09
N THR B 202 7.78 -28.25 -22.33
CA THR B 202 8.97 -28.36 -23.18
C THR B 202 9.69 -27.03 -23.33
N ASN B 203 8.98 -25.98 -23.73
CA ASN B 203 9.63 -24.73 -24.08
C ASN B 203 10.07 -23.98 -22.83
N THR B 204 11.34 -23.57 -22.80
CA THR B 204 11.91 -22.82 -21.69
C THR B 204 12.54 -21.52 -22.13
N SER B 205 12.08 -20.94 -23.24
CA SER B 205 12.64 -19.70 -23.75
C SER B 205 11.78 -18.51 -23.33
N GLU B 206 12.44 -17.48 -22.81
CA GLU B 206 11.73 -16.28 -22.36
C GLU B 206 11.11 -15.51 -23.51
N LYS B 207 11.80 -15.44 -24.65
CA LYS B 207 11.28 -14.71 -25.80
C LYS B 207 9.99 -15.33 -26.32
N PHE B 208 9.91 -16.66 -26.31
CA PHE B 208 8.70 -17.34 -26.78
C PHE B 208 7.50 -16.93 -25.95
N TRP B 209 7.60 -17.00 -24.63
CA TRP B 209 6.49 -16.62 -23.76
C TRP B 209 6.19 -15.14 -23.82
N GLN B 210 7.21 -14.30 -23.96
CA GLN B 210 6.95 -12.86 -24.13
C GLN B 210 6.13 -12.60 -25.39
N SER B 211 6.49 -13.24 -26.51
CA SER B 211 5.71 -13.07 -27.73
C SER B 211 4.30 -13.61 -27.57
N VAL B 212 4.15 -14.78 -26.93
CA VAL B 212 2.84 -15.38 -26.74
C VAL B 212 1.93 -14.44 -25.95
N LEU B 213 2.45 -13.85 -24.87
CA LEU B 213 1.63 -12.95 -24.08
C LEU B 213 1.43 -11.61 -24.75
N LYS B 214 2.35 -11.19 -25.63
CA LYS B 214 2.14 -9.96 -26.37
C LYS B 214 1.06 -10.13 -27.43
N GLU B 215 0.85 -11.36 -27.91
CA GLU B 215 -0.20 -11.59 -28.88
C GLU B 215 -1.60 -11.39 -28.30
N ASN B 216 -1.75 -11.44 -26.98
CA ASN B 216 -3.06 -11.44 -26.34
C ASN B 216 -3.19 -10.36 -25.28
N THR B 217 -2.84 -9.12 -25.62
CA THR B 217 -2.87 -8.04 -24.64
C THR B 217 -4.27 -7.69 -24.16
N TRP B 218 -5.31 -7.98 -24.93
CA TRP B 218 -6.67 -7.71 -24.47
C TRP B 218 -7.01 -8.55 -23.24
N ILE B 219 -6.63 -9.82 -23.23
CA ILE B 219 -6.87 -10.67 -22.07
C ILE B 219 -6.08 -10.17 -20.86
N LEU B 220 -4.85 -9.71 -21.09
CA LEU B 220 -4.06 -9.15 -20.01
C LEU B 220 -4.70 -7.89 -19.44
N SER B 221 -5.26 -7.04 -20.29
CA SER B 221 -5.96 -5.86 -19.81
C SER B 221 -7.22 -6.23 -19.03
N GLN B 222 -7.94 -7.27 -19.47
CA GLN B 222 -9.12 -7.70 -18.74
C GLN B 222 -8.75 -8.30 -17.38
N ILE B 223 -7.66 -9.06 -17.32
CA ILE B 223 -7.29 -9.72 -16.07
C ILE B 223 -6.81 -8.71 -15.03
N PHE B 224 -5.97 -7.76 -15.43
CA PHE B 224 -5.40 -6.79 -14.50
C PHE B 224 -6.16 -5.47 -14.48
N SER B 225 -7.25 -5.36 -15.23
CA SER B 225 -8.15 -4.21 -15.18
C SER B 225 -7.44 -2.89 -15.48
N ASN B 226 -6.80 -2.80 -16.64
CA ASN B 226 -6.16 -1.58 -17.08
C ASN B 226 -6.04 -1.57 -18.60
N PRO B 227 -6.63 -0.59 -19.28
CA PRO B 227 -6.64 -0.62 -20.76
C PRO B 227 -5.27 -0.44 -21.41
N THR B 228 -4.29 0.07 -20.66
CA THR B 228 -2.96 0.32 -21.20
C THR B 228 -1.99 -0.68 -20.60
N VAL B 229 -1.21 -1.35 -21.47
CA VAL B 229 -0.24 -2.36 -21.06
C VAL B 229 1.12 -1.95 -21.59
N LEU B 230 2.14 -2.01 -20.73
CA LEU B 230 3.50 -1.66 -21.11
C LEU B 230 4.38 -2.90 -21.00
N ILE B 231 4.87 -3.39 -22.14
CA ILE B 231 5.72 -4.58 -22.21
C ILE B 231 6.92 -4.25 -23.08
N ASN B 232 8.12 -4.37 -22.51
CA ASN B 232 9.38 -4.17 -23.23
C ASN B 232 9.42 -2.81 -23.93
N ASP B 233 9.07 -1.77 -23.16
CA ASP B 233 9.13 -0.39 -23.63
C ASP B 233 8.26 -0.19 -24.87
N GLU B 234 7.02 -0.67 -24.80
CA GLU B 234 6.04 -0.48 -25.86
C GLU B 234 4.66 -0.48 -25.25
N ALA B 235 3.75 0.30 -25.82
CA ALA B 235 2.39 0.43 -25.24
C ALA B 235 1.38 -0.30 -26.13
N TYR B 236 0.50 -1.09 -25.52
CA TYR B 236 -0.52 -1.84 -26.31
C TYR B 236 -1.92 -1.46 -25.82
N VAL B 237 -2.69 -0.79 -26.67
CA VAL B 237 -4.09 -0.40 -26.30
C VAL B 237 -5.04 -0.98 -27.35
N GLY B 238 -6.08 -1.69 -26.90
CA GLY B 238 -7.05 -2.29 -27.83
C GLY B 238 -6.42 -3.36 -28.70
N GLY B 239 -5.47 -4.12 -28.15
CA GLY B 239 -4.85 -5.22 -28.90
C GLY B 239 -4.01 -4.72 -30.06
N LYS B 240 -3.77 -3.40 -30.11
CA LYS B 240 -2.94 -2.80 -31.19
C LYS B 240 -1.78 -2.01 -30.57
N THR B 241 -0.60 -2.08 -31.18
CA THR B 241 0.58 -1.34 -30.66
C THR B 241 0.42 0.15 -30.96
N VAL B 242 0.60 0.99 -29.94
CA VAL B 242 0.47 2.44 -30.10
C VAL B 242 1.67 2.95 -30.90
N LYS B 243 1.42 3.33 -32.15
CA LYS B 243 2.47 3.85 -33.02
C LYS B 243 2.60 5.37 -32.81
N ASN B 244 3.11 5.71 -31.62
CA ASN B 244 3.29 7.12 -31.28
C ASN B 244 4.31 7.75 -32.22
N ASP B 245 3.94 8.89 -32.81
CA ASP B 245 4.84 9.55 -33.76
C ASP B 245 6.11 10.02 -33.07
N SER B 246 5.97 10.61 -31.87
CA SER B 246 7.13 10.99 -31.10
C SER B 246 7.83 9.76 -30.53
N GLY B 247 9.16 9.80 -30.52
CA GLY B 247 9.93 8.65 -30.06
C GLY B 247 9.74 8.39 -28.57
N LYS B 248 9.18 9.36 -27.85
CA LYS B 248 9.04 9.27 -26.40
C LYS B 248 7.70 8.67 -26.05
N LEU B 249 7.72 7.63 -25.20
CA LEU B 249 6.48 7.02 -24.71
C LEU B 249 5.80 7.87 -23.64
N VAL B 250 6.59 8.61 -22.86
CA VAL B 250 6.01 9.45 -21.81
C VAL B 250 5.16 10.56 -22.43
N ASP B 251 5.48 10.97 -23.66
CA ASP B 251 4.62 11.94 -24.34
C ASP B 251 3.23 11.36 -24.58
N PHE B 252 3.16 10.09 -24.99
CA PHE B 252 1.86 9.45 -25.13
C PHE B 252 1.16 9.28 -23.79
N LEU B 253 1.91 8.88 -22.76
CA LEU B 253 1.29 8.71 -21.45
C LEU B 253 0.80 10.03 -20.87
N TYR B 254 1.40 11.15 -21.26
CA TYR B 254 1.04 12.45 -20.72
C TYR B 254 -0.28 12.95 -21.27
N ALA B 255 -0.62 12.58 -22.51
CA ALA B 255 -1.84 13.02 -23.16
C ALA B 255 -2.95 11.99 -23.11
N ASN B 256 -2.81 10.96 -22.28
CA ASN B 256 -3.81 9.90 -22.19
C ASN B 256 -5.14 10.47 -21.70
N PRO B 257 -6.23 10.29 -22.44
CA PRO B 257 -7.51 10.89 -22.03
C PRO B 257 -8.22 10.16 -20.91
N PHE B 258 -7.89 8.90 -20.64
CA PHE B 258 -8.58 8.12 -19.62
C PHE B 258 -7.93 8.23 -18.26
N SER B 259 -6.66 7.84 -18.14
CA SER B 259 -5.90 7.98 -16.91
C SER B 259 -4.42 8.04 -17.26
N LYS B 260 -3.62 8.52 -16.32
CA LYS B 260 -2.18 8.66 -16.52
C LYS B 260 -1.40 7.50 -15.93
N ASP B 261 -2.07 6.43 -15.52
CA ASP B 261 -1.43 5.25 -14.99
C ASP B 261 -1.40 4.14 -16.03
N ALA B 262 -0.58 3.12 -15.77
CA ALA B 262 -0.48 1.97 -16.65
C ALA B 262 0.01 0.79 -15.83
N VAL B 263 0.13 -0.35 -16.49
CA VAL B 263 0.60 -1.58 -15.86
C VAL B 263 1.91 -1.99 -16.52
N LEU B 264 2.96 -2.14 -15.70
CA LEU B 264 4.24 -2.64 -16.16
C LEU B 264 4.31 -4.14 -15.91
N ILE B 265 4.57 -4.90 -16.96
CA ILE B 265 4.56 -6.36 -16.90
C ILE B 265 5.94 -6.89 -17.27
N GLU B 266 6.47 -7.76 -16.41
CA GLU B 266 7.73 -8.46 -16.66
C GLU B 266 7.43 -9.94 -16.80
N ILE B 267 7.87 -10.53 -17.91
CA ILE B 267 7.52 -11.89 -18.26
C ILE B 267 8.79 -12.74 -18.26
N LYS B 268 8.74 -13.87 -17.57
CA LYS B 268 9.83 -14.83 -17.50
C LYS B 268 9.33 -16.20 -17.95
N THR B 269 10.19 -17.21 -17.83
CA THR B 269 9.83 -18.57 -18.18
C THR B 269 9.08 -19.23 -17.03
N PRO B 270 8.29 -20.27 -17.31
CA PRO B 270 7.65 -21.01 -16.23
C PRO B 270 8.60 -21.93 -15.48
N SER B 271 9.87 -21.98 -15.87
CA SER B 271 10.87 -22.80 -15.21
C SER B 271 11.84 -21.98 -14.38
N THR B 272 11.45 -20.74 -14.05
CA THR B 272 12.29 -19.89 -13.23
C THR B 272 12.21 -20.32 -11.77
N PRO B 273 13.35 -20.57 -11.12
CA PRO B 273 13.31 -20.95 -9.70
C PRO B 273 12.72 -19.85 -8.83
N LEU B 274 12.02 -20.26 -7.78
CA LEU B 274 11.36 -19.32 -6.89
C LEU B 274 12.13 -19.08 -5.60
N ILE B 275 12.74 -20.11 -5.03
CA ILE B 275 13.49 -19.99 -3.78
C ILE B 275 14.86 -20.64 -3.95
N THR B 276 15.76 -20.30 -3.04
CA THR B 276 17.08 -20.91 -3.04
C THR B 276 16.97 -22.37 -2.60
N PRO B 277 17.62 -23.29 -3.32
CA PRO B 277 17.52 -24.71 -2.95
C PRO B 277 17.96 -25.03 -1.53
N THR B 278 19.01 -24.39 -1.04
CA THR B 278 19.46 -24.60 0.33
C THR B 278 18.70 -23.67 1.28
N GLU B 279 18.87 -23.92 2.57
CA GLU B 279 18.14 -23.20 3.60
C GLU B 279 19.08 -22.26 4.34
N TYR B 280 18.59 -21.04 4.59
CA TYR B 280 19.34 -20.08 5.39
C TYR B 280 19.52 -20.59 6.81
N ARG B 281 18.45 -21.08 7.41
CA ARG B 281 18.48 -21.71 8.73
C ARG B 281 17.50 -22.88 8.71
N THR B 282 17.18 -23.40 9.89
CA THR B 282 16.27 -24.53 9.99
C THR B 282 14.86 -24.09 9.62
N GLY B 283 14.42 -24.44 8.42
CA GLY B 283 13.08 -24.13 7.98
C GLY B 283 12.89 -22.75 7.36
N VAL B 284 13.96 -22.01 7.10
CA VAL B 284 13.87 -20.68 6.53
C VAL B 284 14.60 -20.70 5.18
N TYR B 285 13.89 -20.32 4.13
CA TYR B 285 14.43 -20.28 2.78
C TYR B 285 14.34 -18.88 2.22
N SER B 286 15.40 -18.43 1.57
CA SER B 286 15.43 -17.11 0.95
C SER B 286 15.04 -17.21 -0.52
N ALA B 287 14.60 -16.08 -1.07
CA ALA B 287 14.15 -16.02 -2.45
C ALA B 287 15.35 -16.18 -3.40
N HIS B 288 15.06 -16.58 -4.64
CA HIS B 288 16.08 -16.83 -5.64
C HIS B 288 16.42 -15.50 -6.30
N LYS B 289 17.66 -15.36 -6.76
CA LYS B 289 18.14 -14.07 -7.26
C LYS B 289 17.48 -13.67 -8.57
N ASP B 290 16.93 -14.61 -9.34
CA ASP B 290 16.24 -14.25 -10.57
C ASP B 290 15.00 -13.42 -10.30
N LEU B 291 14.21 -13.83 -9.30
CA LEU B 291 13.00 -13.10 -8.95
C LEU B 291 13.33 -11.69 -8.47
N THR B 292 14.35 -11.57 -7.60
CA THR B 292 14.75 -10.27 -7.10
C THR B 292 15.27 -9.38 -8.23
N GLY B 293 16.04 -9.96 -9.15
CA GLY B 293 16.51 -9.18 -10.29
C GLY B 293 15.38 -8.67 -11.16
N ALA B 294 14.38 -9.51 -11.39
CA ALA B 294 13.22 -9.07 -12.17
C ALA B 294 12.49 -7.93 -11.47
N VAL B 295 12.29 -8.05 -10.14
CA VAL B 295 11.61 -7.01 -9.39
C VAL B 295 12.40 -5.70 -9.48
N THR B 296 13.72 -5.77 -9.31
CA THR B 296 14.55 -4.57 -9.40
C THR B 296 14.49 -3.94 -10.78
N GLN B 297 14.46 -4.77 -11.83
CA GLN B 297 14.34 -4.24 -13.19
C GLN B 297 13.04 -3.46 -13.37
N VAL B 298 11.92 -4.03 -12.90
CA VAL B 298 10.64 -3.35 -13.03
C VAL B 298 10.64 -2.04 -12.25
N LEU B 299 11.20 -2.05 -11.04
CA LEU B 299 11.27 -0.83 -10.25
C LEU B 299 12.13 0.23 -10.94
N THR B 300 13.24 -0.17 -11.55
CA THR B 300 14.07 0.79 -12.28
C THR B 300 13.32 1.43 -13.42
N TYR B 301 12.57 0.62 -14.19
CA TYR B 301 11.79 1.17 -15.29
C TYR B 301 10.74 2.15 -14.79
N LYS B 302 10.06 1.80 -13.70
CA LYS B 302 9.05 2.70 -13.14
C LYS B 302 9.67 4.02 -12.69
N THR B 303 10.83 3.95 -12.06
CA THR B 303 11.51 5.17 -11.61
C THR B 303 11.88 6.06 -12.79
N THR B 304 12.39 5.46 -13.87
CA THR B 304 12.72 6.24 -15.05
C THR B 304 11.49 6.94 -15.62
N LEU B 305 10.37 6.21 -15.71
CA LEU B 305 9.14 6.82 -16.22
C LEU B 305 8.69 7.98 -15.35
N GLN B 306 8.74 7.81 -14.02
CA GLN B 306 8.31 8.88 -13.12
C GLN B 306 9.20 10.10 -13.26
N ARG B 307 10.52 9.90 -13.36
CA ARG B 307 11.42 11.04 -13.50
C ARG B 307 11.17 11.80 -14.81
N GLU B 308 10.96 11.07 -15.90
CA GLU B 308 10.68 11.76 -17.16
C GLU B 308 9.35 12.51 -17.12
N TYR B 309 8.35 11.93 -16.45
CA TYR B 309 7.08 12.64 -16.28
C TYR B 309 7.26 13.92 -15.47
N GLN B 310 8.09 13.87 -14.42
CA GLN B 310 8.37 15.08 -13.65
C GLN B 310 9.07 16.13 -14.52
N ASN B 311 10.00 15.70 -15.37
CA ASN B 311 10.64 16.64 -16.27
C ASN B 311 9.63 17.33 -17.18
N ILE B 312 8.70 16.55 -17.75
CA ILE B 312 7.68 17.14 -18.61
C ILE B 312 6.82 18.13 -17.83
N ASP B 313 6.42 17.76 -16.62
CA ASP B 313 5.57 18.65 -15.81
C ASP B 313 6.28 19.96 -15.50
N TYR B 314 7.54 19.89 -15.10
CA TYR B 314 8.27 21.12 -14.79
C TYR B 314 8.49 21.97 -16.04
N ASN B 315 8.77 21.34 -17.19
CA ASN B 315 8.91 22.11 -18.42
C ASN B 315 7.60 22.83 -18.78
N ASN B 316 6.47 22.15 -18.60
CA ASN B 316 5.19 22.80 -18.86
C ASN B 316 4.94 23.95 -17.89
N TYR B 317 5.25 23.75 -16.60
CA TYR B 317 5.05 24.82 -15.63
C TYR B 317 5.93 26.02 -15.92
N ARG B 318 7.12 25.77 -16.48
CA ARG B 318 8.04 26.88 -16.77
C ARG B 318 7.47 27.82 -17.83
N GLN B 319 6.52 27.33 -18.64
CA GLN B 319 5.91 28.13 -19.68
C GLN B 319 4.59 28.78 -19.25
N GLY B 320 4.31 28.82 -17.95
CA GLY B 320 3.13 29.50 -17.47
C GLY B 320 1.86 28.69 -17.46
N ILE B 321 1.94 27.40 -17.76
CA ILE B 321 0.76 26.55 -17.70
C ILE B 321 0.63 25.98 -16.30
N LYS B 322 -0.51 26.22 -15.67
CA LYS B 322 -0.74 25.80 -14.29
C LYS B 322 -0.84 24.28 -14.22
N THR B 323 0.19 23.64 -13.65
CA THR B 323 0.22 22.19 -13.50
C THR B 323 0.48 21.83 -12.04
N ASP B 324 -0.35 20.94 -11.52
CA ASP B 324 -0.13 20.44 -10.16
C ASP B 324 0.93 19.36 -10.17
N PHE B 325 1.92 19.51 -9.31
CA PHE B 325 3.08 18.62 -9.28
C PHE B 325 2.75 17.32 -8.55
N ASP B 326 2.02 16.46 -9.24
CA ASP B 326 1.67 15.14 -8.72
C ASP B 326 2.49 14.07 -9.42
N ILE B 327 2.85 13.05 -8.67
CA ILE B 327 3.67 11.95 -9.19
C ILE B 327 2.76 10.78 -9.56
N ILE B 328 2.94 10.26 -10.77
CA ILE B 328 2.15 9.14 -11.26
C ILE B 328 2.68 7.86 -10.66
N THR B 329 1.79 6.91 -10.38
CA THR B 329 2.18 5.65 -9.76
C THR B 329 1.62 4.49 -10.56
N PRO B 330 2.32 3.98 -11.56
CA PRO B 330 1.85 2.80 -12.29
C PRO B 330 2.02 1.53 -11.46
N CYS B 331 1.36 0.47 -11.93
CA CYS B 331 1.37 -0.82 -11.25
C CYS B 331 2.40 -1.75 -11.89
N CYS B 332 3.02 -2.58 -11.07
CA CYS B 332 4.10 -3.46 -11.50
C CYS B 332 3.71 -4.92 -11.26
N VAL B 333 3.84 -5.73 -12.30
CA VAL B 333 3.50 -7.15 -12.25
C VAL B 333 4.69 -7.96 -12.76
N VAL B 334 5.06 -9.00 -12.02
CA VAL B 334 6.15 -9.89 -12.39
C VAL B 334 5.60 -11.31 -12.48
N ILE B 335 5.81 -11.95 -13.62
CA ILE B 335 5.39 -13.33 -13.86
C ILE B 335 6.60 -14.23 -13.70
N ALA B 336 6.41 -15.37 -13.03
CA ALA B 336 7.53 -16.17 -12.53
C ALA B 336 7.18 -17.63 -12.81
N GLY B 337 7.84 -18.58 -12.15
CA GLY B 337 7.72 -19.98 -12.50
C GLY B 337 6.42 -20.63 -12.06
N MET B 338 6.49 -21.81 -11.46
CA MET B 338 5.29 -22.57 -11.14
C MET B 338 5.19 -22.81 -9.64
N PHE B 339 3.96 -22.73 -9.12
CA PHE B 339 3.69 -22.93 -7.70
C PHE B 339 3.76 -24.40 -7.31
N ASP B 340 3.74 -25.31 -8.29
CA ASP B 340 3.74 -26.74 -7.97
C ASP B 340 5.06 -27.20 -7.38
N THR B 341 6.15 -26.47 -7.64
CA THR B 341 7.46 -26.87 -7.15
C THR B 341 7.61 -26.66 -5.65
N LEU B 342 6.72 -25.90 -5.02
CA LEU B 342 6.76 -25.66 -3.58
C LEU B 342 5.96 -26.75 -2.89
N THR B 343 6.64 -27.88 -2.64
CA THR B 343 5.95 -29.07 -2.12
C THR B 343 5.73 -28.99 -0.61
N ASP B 344 6.80 -28.92 0.15
CA ASP B 344 6.67 -28.94 1.61
C ASP B 344 6.24 -27.57 2.13
N THR B 345 5.78 -27.55 3.37
CA THR B 345 5.19 -26.34 3.94
C THR B 345 6.21 -25.23 4.13
N ALA B 346 7.49 -25.58 4.35
CA ALA B 346 8.51 -24.57 4.57
C ALA B 346 8.70 -23.70 3.33
N HIS B 347 8.73 -24.32 2.15
CA HIS B 347 8.92 -23.57 0.91
C HIS B 347 7.76 -22.60 0.69
N ARG B 348 6.53 -23.08 0.84
CA ARG B 348 5.37 -22.23 0.65
C ARG B 348 5.35 -21.11 1.68
N HIS B 349 5.68 -21.42 2.94
CA HIS B 349 5.68 -20.39 3.97
C HIS B 349 6.69 -19.30 3.65
N SER B 350 7.91 -19.68 3.25
CA SER B 350 8.92 -18.69 2.93
C SER B 350 8.53 -17.86 1.71
N PHE B 351 7.99 -18.51 0.67
CA PHE B 351 7.61 -17.78 -0.53
C PHE B 351 6.48 -16.80 -0.24
N GLU B 352 5.50 -17.21 0.57
CA GLU B 352 4.39 -16.32 0.91
C GLU B 352 4.87 -15.17 1.79
N LEU B 353 5.82 -15.43 2.68
CA LEU B 353 6.38 -14.34 3.49
C LEU B 353 7.09 -13.33 2.61
N TYR B 354 7.87 -13.81 1.64
CA TYR B 354 8.56 -12.89 0.75
C TYR B 354 7.59 -12.09 -0.11
N ARG B 355 6.60 -12.78 -0.69
CA ARG B 355 5.74 -12.15 -1.68
C ARG B 355 4.82 -11.10 -1.06
N LYS B 356 4.39 -11.31 0.18
CA LYS B 356 3.44 -10.42 0.82
C LYS B 356 4.09 -9.19 1.44
N GLU B 357 5.42 -9.07 1.35
CA GLU B 357 6.12 -7.92 1.90
C GLU B 357 6.38 -6.83 0.87
N LEU B 358 6.34 -7.16 -0.41
CA LEU B 358 6.52 -6.16 -1.45
C LEU B 358 5.38 -5.13 -1.40
N LYS B 359 5.75 -3.86 -1.51
CA LYS B 359 4.77 -2.78 -1.31
C LYS B 359 3.96 -2.50 -2.56
N ASN B 360 4.59 -2.55 -3.74
CA ASN B 360 3.94 -2.15 -4.98
C ASN B 360 3.99 -3.18 -6.09
N VAL B 361 4.81 -4.22 -5.96
CA VAL B 361 4.99 -5.19 -7.03
C VAL B 361 4.14 -6.42 -6.73
N THR B 362 3.45 -6.93 -7.75
CA THR B 362 2.64 -8.14 -7.62
C THR B 362 3.32 -9.28 -8.36
N VAL B 363 3.67 -10.33 -7.63
CA VAL B 363 4.33 -11.51 -8.19
C VAL B 363 3.28 -12.60 -8.40
N ILE B 364 3.16 -13.08 -9.63
CA ILE B 364 2.17 -14.09 -9.98
C ILE B 364 2.84 -15.17 -10.82
N THR B 365 2.43 -16.41 -10.63
CA THR B 365 2.98 -17.53 -11.37
C THR B 365 2.10 -17.84 -12.58
N PHE B 366 2.65 -18.65 -13.50
CA PHE B 366 1.88 -19.09 -14.66
C PHE B 366 0.68 -19.94 -14.27
N ASP B 367 0.81 -20.77 -13.24
CA ASP B 367 -0.31 -21.60 -12.80
C ASP B 367 -1.49 -20.75 -12.38
N GLU B 368 -1.27 -19.70 -11.60
CA GLU B 368 -2.36 -18.84 -11.17
C GLU B 368 -2.97 -18.09 -12.34
N LEU B 369 -2.14 -17.61 -13.27
CA LEU B 369 -2.66 -16.90 -14.43
C LEU B 369 -3.57 -17.79 -15.27
N PHE B 370 -3.15 -19.02 -15.54
CA PHE B 370 -4.01 -19.85 -16.38
C PHE B 370 -5.14 -20.50 -15.58
N GLU B 371 -5.04 -20.51 -14.24
CA GLU B 371 -6.22 -20.82 -13.43
C GLU B 371 -7.26 -19.71 -13.56
N ARG B 372 -6.82 -18.45 -13.60
CA ARG B 372 -7.75 -17.36 -13.88
C ARG B 372 -8.35 -17.50 -15.27
N VAL B 373 -7.55 -17.90 -16.25
CA VAL B 373 -8.08 -18.11 -17.60
C VAL B 373 -9.14 -19.20 -17.60
N LYS B 374 -8.87 -20.33 -16.93
CA LYS B 374 -9.85 -21.40 -16.86
C LYS B 374 -11.11 -20.96 -16.13
N GLY B 375 -10.97 -20.17 -15.07
CA GLY B 375 -12.13 -19.66 -14.36
C GLY B 375 -12.98 -18.75 -15.23
N LEU B 376 -12.34 -17.89 -16.02
CA LEU B 376 -13.08 -17.05 -16.96
C LEU B 376 -13.80 -17.88 -18.01
N ILE B 377 -13.16 -18.92 -18.53
CA ILE B 377 -13.84 -19.79 -19.49
C ILE B 377 -15.04 -20.46 -18.85
N LYS B 378 -14.88 -20.95 -17.62
CA LYS B 378 -16.00 -21.60 -16.93
C LYS B 378 -17.14 -20.64 -16.68
N LEU B 379 -16.84 -19.40 -16.28
CA LEU B 379 -17.88 -18.40 -16.07
C LEU B 379 -18.62 -18.09 -17.37
N LEU B 380 -17.87 -17.90 -18.47
CA LEU B 380 -18.51 -17.54 -19.72
C LEU B 380 -19.37 -18.69 -20.25
N GLU B 381 -18.88 -19.93 -20.15
CA GLU B 381 -19.66 -21.07 -20.65
C GLU B 381 -20.92 -21.27 -19.81
N GLY B 382 -20.81 -21.20 -18.49
CA GLY B 382 -21.94 -21.40 -17.62
C GLY B 382 -22.90 -20.22 -17.62
N ASP C 122 -27.05 -23.50 -58.77
CA ASP C 122 -27.70 -22.70 -57.74
C ASP C 122 -26.72 -22.37 -56.62
N ILE C 123 -26.72 -23.20 -55.58
CA ILE C 123 -25.78 -23.02 -54.47
C ILE C 123 -24.35 -23.22 -54.96
N GLU C 124 -24.11 -24.28 -55.74
CA GLU C 124 -22.78 -24.55 -56.25
C GLU C 124 -22.31 -23.43 -57.17
N LYS C 125 -23.20 -22.94 -58.03
CA LYS C 125 -22.85 -21.82 -58.90
C LYS C 125 -22.52 -20.58 -58.08
N LEU C 126 -23.27 -20.33 -57.01
CA LEU C 126 -22.99 -19.19 -56.15
C LEU C 126 -21.61 -19.32 -55.50
N ILE C 127 -21.29 -20.53 -55.01
CA ILE C 127 -19.99 -20.75 -54.40
C ILE C 127 -18.86 -20.53 -55.40
N GLU C 128 -19.03 -21.06 -56.61
CA GLU C 128 -18.01 -20.90 -57.64
C GLU C 128 -17.85 -19.43 -58.02
N MET C 129 -18.94 -18.69 -58.14
CA MET C 129 -18.88 -17.29 -58.50
C MET C 129 -18.18 -16.48 -57.39
N PHE C 130 -18.50 -16.79 -56.14
CA PHE C 130 -17.83 -16.09 -55.04
C PHE C 130 -16.34 -16.41 -55.00
N GLU C 131 -15.96 -17.67 -55.25
CA GLU C 131 -14.55 -18.03 -55.28
C GLU C 131 -13.83 -17.35 -56.43
N SER C 132 -14.50 -17.18 -57.57
CA SER C 132 -13.88 -16.56 -58.72
C SER C 132 -13.50 -15.11 -58.44
N ASN C 133 -14.38 -14.36 -57.78
CA ASN C 133 -14.18 -12.94 -57.53
C ASN C 133 -14.35 -12.66 -56.04
N THR C 134 -13.24 -12.30 -55.39
CA THR C 134 -13.32 -11.84 -54.00
C THR C 134 -13.98 -10.47 -53.92
N ASP C 135 -13.84 -9.66 -54.98
CA ASP C 135 -14.47 -8.36 -55.03
C ASP C 135 -15.98 -8.44 -54.91
N LEU C 136 -16.59 -9.51 -55.41
CA LEU C 136 -18.03 -9.68 -55.25
C LEU C 136 -18.41 -9.79 -53.78
N LEU C 137 -17.69 -10.62 -53.02
CA LEU C 137 -17.98 -10.77 -51.61
C LEU C 137 -17.69 -9.47 -50.85
N THR C 138 -16.62 -8.77 -51.23
CA THR C 138 -16.32 -7.50 -50.57
C THR C 138 -17.42 -6.46 -50.83
N GLN C 139 -17.86 -6.33 -52.07
CA GLN C 139 -18.89 -5.36 -52.41
C GLN C 139 -20.25 -5.72 -51.83
N LEU C 140 -20.54 -7.02 -51.68
CA LEU C 140 -21.80 -7.43 -51.08
C LEU C 140 -21.92 -6.92 -49.64
N MET C 141 -20.83 -6.99 -48.89
CA MET C 141 -20.83 -6.45 -47.53
C MET C 141 -20.76 -4.92 -47.55
N GLU C 142 -19.98 -4.35 -48.48
CA GLU C 142 -19.78 -2.90 -48.49
C GLU C 142 -21.06 -2.15 -48.82
N ASP C 143 -21.85 -2.66 -49.77
CA ASP C 143 -23.04 -1.95 -50.21
C ASP C 143 -24.05 -1.82 -49.07
N ASP C 144 -24.56 -0.60 -48.88
CA ASP C 144 -25.48 -0.34 -47.77
C ASP C 144 -26.87 -0.89 -48.06
N LYS C 145 -27.25 -0.97 -49.34
CA LYS C 145 -28.59 -1.41 -49.69
C LYS C 145 -28.82 -2.86 -49.25
N SER C 146 -27.83 -3.72 -49.44
CA SER C 146 -27.93 -5.11 -49.02
C SER C 146 -27.45 -5.25 -47.58
N GLU C 147 -28.33 -5.75 -46.71
CA GLU C 147 -27.99 -5.93 -45.29
C GLU C 147 -27.31 -7.28 -45.06
N ALA C 148 -26.21 -7.52 -45.76
CA ALA C 148 -25.50 -8.78 -45.62
C ALA C 148 -24.87 -8.91 -44.23
N LEU C 149 -24.34 -7.82 -43.70
CA LEU C 149 -23.63 -7.88 -42.42
C LEU C 149 -24.58 -8.26 -41.28
N GLU C 150 -25.75 -7.62 -41.24
CA GLU C 150 -26.70 -7.92 -40.17
C GLU C 150 -27.23 -9.34 -40.27
N LYS C 151 -27.50 -9.81 -41.48
CA LYS C 151 -27.94 -11.18 -41.67
C LYS C 151 -26.86 -12.18 -41.24
N THR C 152 -25.60 -11.89 -41.57
CA THR C 152 -24.52 -12.76 -41.14
C THR C 152 -24.41 -12.80 -39.62
N LEU C 153 -24.50 -11.65 -38.97
CA LEU C 153 -24.43 -11.61 -37.51
C LEU C 153 -25.59 -12.36 -36.87
N GLU C 154 -26.80 -12.19 -37.41
CA GLU C 154 -27.95 -12.92 -36.88
C GLU C 154 -27.79 -14.44 -37.08
N TRP C 155 -27.26 -14.85 -38.22
CA TRP C 155 -27.00 -16.27 -38.44
C TRP C 155 -25.98 -16.80 -37.45
N ILE C 156 -24.95 -16.00 -37.14
CA ILE C 156 -23.96 -16.39 -36.15
C ILE C 156 -24.62 -16.57 -34.78
N VAL C 157 -25.44 -15.60 -34.39
CA VAL C 157 -26.01 -15.60 -33.05
C VAL C 157 -27.03 -16.73 -32.88
N THR C 158 -27.91 -16.90 -33.86
CA THR C 158 -29.05 -17.80 -33.73
C THR C 158 -28.78 -19.22 -34.21
N ASN C 159 -27.53 -19.58 -34.47
CA ASN C 159 -27.22 -20.92 -34.95
C ASN C 159 -27.54 -21.96 -33.88
N ASP C 160 -28.02 -23.12 -34.34
CA ASP C 160 -28.44 -24.17 -33.41
C ASP C 160 -27.26 -24.74 -32.63
N ASN C 161 -26.12 -24.93 -33.31
CA ASN C 161 -24.96 -25.56 -32.68
C ASN C 161 -23.88 -24.51 -32.45
N PRO C 162 -23.74 -23.96 -31.24
CA PRO C 162 -22.70 -22.94 -31.03
C PRO C 162 -21.30 -23.53 -30.94
N ASP C 163 -21.18 -24.82 -30.60
CA ASP C 163 -19.86 -25.42 -30.44
C ASP C 163 -19.11 -25.44 -31.77
N LYS C 164 -19.80 -25.73 -32.86
CA LYS C 164 -19.14 -25.72 -34.17
C LYS C 164 -18.68 -24.32 -34.54
N ILE C 165 -19.49 -23.30 -34.22
CA ILE C 165 -19.10 -21.93 -34.50
C ILE C 165 -17.86 -21.55 -33.68
N ILE C 166 -17.84 -21.94 -32.40
CA ILE C 166 -16.69 -21.64 -31.55
C ILE C 166 -15.44 -22.33 -32.10
N ASP C 167 -15.58 -23.58 -32.53
CA ASP C 167 -14.44 -24.30 -33.11
C ASP C 167 -13.95 -23.62 -34.38
N ARG C 168 -14.88 -23.12 -35.18
CA ARG C 168 -14.50 -22.45 -36.47
C ARG C 168 -13.80 -21.12 -36.18
N LEU C 169 -14.31 -20.35 -35.22
CA LEU C 169 -13.72 -19.00 -34.93
C LEU C 169 -12.29 -19.15 -34.43
N LYS C 170 -12.00 -20.20 -33.66
CA LYS C 170 -10.65 -20.35 -33.05
C LYS C 170 -9.59 -20.38 -34.15
N ASN C 171 -9.96 -20.77 -35.38
CA ASN C 171 -9.00 -20.86 -36.50
C ASN C 171 -8.43 -19.48 -36.82
N LEU C 172 -9.23 -18.41 -36.67
CA LEU C 172 -8.78 -17.04 -37.01
C LEU C 172 -7.59 -16.66 -36.11
N LYS C 173 -6.78 -15.68 -36.52
CA LYS C 173 -5.57 -15.29 -35.75
C LYS C 173 -5.97 -14.68 -34.39
N GLU C 174 -4.99 -14.49 -33.50
CA GLU C 174 -5.28 -13.91 -32.19
C GLU C 174 -5.51 -12.41 -32.28
N GLN C 175 -4.78 -11.73 -33.15
CA GLN C 175 -4.93 -10.29 -33.32
C GLN C 175 -6.33 -9.93 -33.82
N ASP C 176 -6.87 -10.72 -34.76
CA ASP C 176 -8.22 -10.47 -35.25
C ASP C 176 -9.24 -10.61 -34.13
N LEU C 177 -9.10 -11.63 -33.28
CA LEU C 177 -9.99 -11.80 -32.15
C LEU C 177 -9.89 -10.62 -31.19
N ASP C 178 -8.66 -10.17 -30.91
CA ASP C 178 -8.49 -9.00 -30.04
C ASP C 178 -9.16 -7.76 -30.61
N GLN C 179 -9.00 -7.51 -31.91
CA GLN C 179 -9.62 -6.34 -32.51
C GLN C 179 -11.13 -6.44 -32.54
N LEU C 180 -11.67 -7.64 -32.78
CA LEU C 180 -13.12 -7.82 -32.72
C LEU C 180 -13.65 -7.54 -31.31
N ASN C 181 -12.94 -8.03 -30.29
CA ASN C 181 -13.34 -7.74 -28.92
C ASN C 181 -13.30 -6.25 -28.63
N THR C 182 -12.27 -5.57 -29.14
CA THR C 182 -12.19 -4.12 -28.93
C THR C 182 -13.36 -3.40 -29.59
N LEU C 183 -13.72 -3.81 -30.81
CA LEU C 183 -14.86 -3.17 -31.49
C LEU C 183 -16.16 -3.39 -30.73
N ILE C 184 -16.37 -4.61 -30.23
CA ILE C 184 -17.60 -4.88 -29.48
C ILE C 184 -17.62 -4.08 -28.18
N GLY C 185 -16.47 -3.94 -27.52
CA GLY C 185 -16.41 -3.13 -26.32
C GLY C 185 -16.72 -1.68 -26.58
N ILE C 186 -16.20 -1.14 -27.70
CA ILE C 186 -16.51 0.25 -28.04
C ILE C 186 -18.00 0.42 -28.32
N ALA C 187 -18.60 -0.56 -29.01
CA ALA C 187 -20.04 -0.49 -29.26
C ALA C 187 -20.84 -0.49 -27.96
N ASN C 188 -20.44 -1.35 -27.00
CA ASN C 188 -21.12 -1.38 -25.71
C ASN C 188 -20.98 -0.04 -24.98
N LEU C 189 -19.77 0.53 -25.01
CA LEU C 189 -19.56 1.82 -24.35
C LEU C 189 -20.44 2.91 -24.96
N LYS C 190 -20.51 2.96 -26.29
CA LYS C 190 -21.35 3.95 -26.94
C LYS C 190 -22.83 3.75 -26.61
N LYS C 191 -23.29 2.51 -26.56
CA LYS C 191 -24.68 2.25 -26.20
C LYS C 191 -24.99 2.72 -24.79
N VAL C 192 -24.08 2.45 -23.84
CA VAL C 192 -24.30 2.89 -22.47
C VAL C 192 -24.30 4.42 -22.39
N LEU C 193 -23.40 5.07 -23.14
CA LEU C 193 -23.38 6.53 -23.15
C LEU C 193 -24.68 7.10 -23.70
N SER C 194 -25.22 6.50 -24.76
CA SER C 194 -26.51 6.95 -25.28
C SER C 194 -27.63 6.77 -24.26
N VAL C 195 -27.62 5.63 -23.55
CA VAL C 195 -28.62 5.41 -22.51
C VAL C 195 -28.53 6.49 -21.43
N TRP C 196 -27.32 6.84 -21.03
CA TRP C 196 -27.15 7.92 -20.04
C TRP C 196 -27.67 9.24 -20.59
N GLU C 197 -27.33 9.57 -21.84
CA GLU C 197 -27.75 10.84 -22.41
C GLU C 197 -29.26 10.94 -22.54
N SER C 198 -29.95 9.82 -22.76
CA SER C 198 -31.40 9.87 -22.93
C SER C 198 -32.16 10.17 -21.65
N ASN C 199 -31.78 9.54 -20.53
CA ASN C 199 -32.59 9.54 -19.32
C ASN C 199 -31.93 10.21 -18.13
N LYS C 200 -31.03 11.17 -18.35
CA LYS C 200 -30.35 11.81 -17.24
C LYS C 200 -31.16 12.93 -16.59
N LEU C 201 -32.26 13.35 -17.22
CA LEU C 201 -33.07 14.45 -16.70
C LEU C 201 -34.45 14.02 -16.23
N THR C 202 -35.00 12.95 -16.80
CA THR C 202 -36.39 12.57 -16.52
C THR C 202 -36.46 11.50 -15.43
N ASN C 203 -35.79 10.38 -15.64
CA ASN C 203 -35.92 9.25 -14.71
C ASN C 203 -35.26 9.57 -13.38
N THR C 204 -35.92 9.15 -12.29
CA THR C 204 -35.44 9.39 -10.94
C THR C 204 -35.55 8.16 -10.05
N SER C 205 -35.69 6.96 -10.62
CA SER C 205 -35.84 5.74 -9.84
C SER C 205 -34.47 5.15 -9.55
N GLU C 206 -34.21 4.85 -8.27
CA GLU C 206 -32.92 4.27 -7.90
C GLU C 206 -32.74 2.88 -8.48
N LYS C 207 -33.81 2.08 -8.55
CA LYS C 207 -33.71 0.74 -9.09
C LYS C 207 -33.29 0.76 -10.56
N PHE C 208 -33.79 1.74 -11.32
CA PHE C 208 -33.42 1.85 -12.72
C PHE C 208 -31.92 2.04 -12.88
N TRP C 209 -31.34 3.00 -12.15
CA TRP C 209 -29.91 3.26 -12.25
C TRP C 209 -29.09 2.08 -11.71
N GLN C 210 -29.58 1.42 -10.65
CA GLN C 210 -28.87 0.26 -10.15
C GLN C 210 -28.82 -0.85 -11.18
N SER C 211 -29.93 -1.11 -11.87
CA SER C 211 -29.93 -2.12 -12.92
C SER C 211 -29.03 -1.72 -14.08
N VAL C 212 -29.06 -0.44 -14.47
CA VAL C 212 -28.21 0.02 -15.57
C VAL C 212 -26.74 -0.18 -15.24
N LEU C 213 -26.34 0.14 -14.00
CA LEU C 213 -24.94 -0.04 -13.62
C LEU C 213 -24.58 -1.50 -13.39
N LYS C 214 -25.55 -2.33 -13.00
CA LYS C 214 -25.26 -3.75 -12.81
C LYS C 214 -25.06 -4.46 -14.15
N GLU C 215 -25.77 -4.01 -15.18
CA GLU C 215 -25.64 -4.67 -16.48
C GLU C 215 -24.30 -4.39 -17.15
N ASN C 216 -23.51 -3.46 -16.62
CA ASN C 216 -22.27 -3.05 -17.28
C ASN C 216 -21.10 -2.99 -16.30
N THR C 217 -20.89 -4.04 -15.51
CA THR C 217 -19.90 -4.01 -14.45
C THR C 217 -18.47 -4.01 -14.95
N TRP C 218 -18.23 -4.41 -16.20
CA TRP C 218 -16.86 -4.38 -16.72
C TRP C 218 -16.32 -2.97 -16.89
N ILE C 219 -17.20 -2.02 -17.23
CA ILE C 219 -16.78 -0.62 -17.28
C ILE C 219 -16.37 -0.14 -15.90
N LEU C 220 -17.13 -0.51 -14.88
CA LEU C 220 -16.77 -0.16 -13.50
C LEU C 220 -15.45 -0.79 -13.09
N SER C 221 -15.23 -2.05 -13.49
CA SER C 221 -13.96 -2.70 -13.20
C SER C 221 -12.80 -1.98 -13.86
N GLN C 222 -12.97 -1.54 -15.11
CA GLN C 222 -11.92 -0.78 -15.77
C GLN C 222 -11.68 0.55 -15.08
N ILE C 223 -12.75 1.23 -14.66
CA ILE C 223 -12.60 2.56 -14.06
C ILE C 223 -11.92 2.47 -12.70
N PHE C 224 -12.35 1.54 -11.86
CA PHE C 224 -11.84 1.45 -10.50
C PHE C 224 -10.68 0.47 -10.34
N SER C 225 -10.25 -0.18 -11.42
CA SER C 225 -9.05 -1.02 -11.43
C SER C 225 -9.16 -2.17 -10.44
N ASN C 226 -10.19 -3.00 -10.62
CA ASN C 226 -10.34 -4.22 -9.84
C ASN C 226 -11.29 -5.18 -10.55
N PRO C 227 -10.89 -6.43 -10.77
CA PRO C 227 -11.74 -7.36 -11.54
C PRO C 227 -12.98 -7.83 -10.82
N THR C 228 -13.08 -7.62 -9.51
CA THR C 228 -14.22 -8.08 -8.72
C THR C 228 -15.03 -6.88 -8.25
N VAL C 229 -16.34 -6.92 -8.48
CA VAL C 229 -17.24 -5.83 -8.12
C VAL C 229 -18.33 -6.38 -7.23
N LEU C 230 -18.57 -5.73 -6.09
CA LEU C 230 -19.58 -6.14 -5.14
C LEU C 230 -20.72 -5.12 -5.13
N ILE C 231 -21.89 -5.52 -5.59
CA ILE C 231 -23.08 -4.68 -5.62
C ILE C 231 -24.23 -5.45 -5.02
N ASN C 232 -24.82 -4.92 -3.95
CA ASN C 232 -25.99 -5.51 -3.28
C ASN C 232 -25.74 -6.96 -2.89
N ASP C 233 -24.62 -7.19 -2.19
CA ASP C 233 -24.26 -8.51 -1.66
C ASP C 233 -24.16 -9.56 -2.76
N GLU C 234 -23.61 -9.16 -3.91
CA GLU C 234 -23.37 -10.09 -5.01
C GLU C 234 -22.03 -9.78 -5.63
N ALA C 235 -21.40 -10.79 -6.21
CA ALA C 235 -20.07 -10.67 -6.79
C ALA C 235 -20.15 -10.76 -8.30
N TYR C 236 -19.49 -9.82 -8.98
CA TYR C 236 -19.44 -9.78 -10.43
C TYR C 236 -17.97 -9.83 -10.84
N VAL C 237 -17.63 -10.85 -11.63
CA VAL C 237 -16.30 -11.01 -12.21
C VAL C 237 -16.47 -11.24 -13.70
N GLY C 238 -15.85 -10.38 -14.51
CA GLY C 238 -15.94 -10.53 -15.96
C GLY C 238 -17.32 -10.31 -16.52
N GLY C 239 -18.16 -9.55 -15.84
CA GLY C 239 -19.50 -9.26 -16.30
C GLY C 239 -20.53 -10.31 -15.95
N LYS C 240 -20.15 -11.40 -15.30
CA LYS C 240 -21.05 -12.47 -14.94
C LYS C 240 -21.19 -12.54 -13.43
N THR C 241 -22.40 -12.87 -12.97
CA THR C 241 -22.66 -13.01 -11.54
C THR C 241 -22.06 -14.33 -11.05
N VAL C 242 -21.15 -14.23 -10.09
CA VAL C 242 -20.45 -15.41 -9.56
C VAL C 242 -21.40 -16.10 -8.59
N LYS C 243 -22.03 -17.19 -9.04
CA LYS C 243 -22.91 -17.95 -8.17
C LYS C 243 -22.09 -18.79 -7.20
N ASN C 244 -22.45 -18.73 -5.92
CA ASN C 244 -21.77 -19.49 -4.87
C ASN C 244 -22.74 -20.51 -4.30
N ASP C 245 -22.21 -21.69 -3.96
CA ASP C 245 -23.05 -22.77 -3.46
C ASP C 245 -23.76 -22.37 -2.16
N SER C 246 -22.99 -22.09 -1.12
CA SER C 246 -23.56 -21.64 0.14
C SER C 246 -23.98 -20.18 0.04
N GLY C 247 -24.88 -19.79 0.93
CA GLY C 247 -25.31 -18.40 0.98
C GLY C 247 -24.33 -17.52 1.73
N LYS C 248 -23.06 -17.59 1.35
CA LYS C 248 -22.00 -16.85 2.03
C LYS C 248 -21.05 -16.29 0.98
N LEU C 249 -20.99 -14.96 0.88
CA LEU C 249 -20.05 -14.31 -0.02
C LEU C 249 -18.62 -14.40 0.49
N VAL C 250 -18.43 -14.42 1.81
CA VAL C 250 -17.09 -14.45 2.38
C VAL C 250 -16.40 -15.76 2.01
N ASP C 251 -17.17 -16.85 1.92
CA ASP C 251 -16.59 -18.12 1.52
C ASP C 251 -15.99 -18.04 0.12
N PHE C 252 -16.70 -17.40 -0.81
CA PHE C 252 -16.13 -17.20 -2.14
C PHE C 252 -14.94 -16.25 -2.10
N LEU C 253 -15.03 -15.17 -1.33
CA LEU C 253 -13.95 -14.19 -1.30
C LEU C 253 -12.67 -14.79 -0.73
N TYR C 254 -12.77 -15.67 0.25
CA TYR C 254 -11.59 -16.30 0.83
C TYR C 254 -10.90 -17.23 -0.15
N ALA C 255 -11.65 -17.92 -1.00
CA ALA C 255 -11.10 -18.79 -2.03
C ALA C 255 -11.22 -18.18 -3.42
N ASN C 256 -11.17 -16.86 -3.53
CA ASN C 256 -11.31 -16.19 -4.81
C ASN C 256 -10.03 -16.32 -5.62
N PRO C 257 -10.07 -16.92 -6.82
CA PRO C 257 -8.84 -17.06 -7.61
C PRO C 257 -8.55 -15.89 -8.55
N PHE C 258 -9.41 -14.87 -8.58
CA PHE C 258 -9.28 -13.81 -9.57
C PHE C 258 -8.56 -12.58 -9.06
N SER C 259 -8.59 -12.32 -7.76
CA SER C 259 -7.94 -11.15 -7.18
C SER C 259 -7.84 -11.35 -5.67
N LYS C 260 -7.23 -10.38 -5.00
CA LYS C 260 -7.13 -10.43 -3.54
C LYS C 260 -8.27 -9.65 -2.88
N ASP C 261 -8.41 -8.38 -3.24
CA ASP C 261 -9.45 -7.53 -2.65
C ASP C 261 -10.64 -7.38 -3.59
N ALA C 262 -11.59 -6.53 -3.22
CA ALA C 262 -12.78 -6.29 -4.02
C ALA C 262 -13.16 -4.83 -3.86
N VAL C 263 -14.20 -4.42 -4.59
CA VAL C 263 -14.69 -3.04 -4.58
C VAL C 263 -16.14 -3.06 -4.14
N LEU C 264 -16.46 -2.23 -3.15
CA LEU C 264 -17.83 -2.07 -2.66
C LEU C 264 -18.41 -0.79 -3.24
N ILE C 265 -19.55 -0.90 -3.91
CA ILE C 265 -20.16 0.20 -4.65
C ILE C 265 -21.56 0.44 -4.09
N GLU C 266 -21.85 1.69 -3.76
CA GLU C 266 -23.19 2.13 -3.34
C GLU C 266 -23.72 3.08 -4.41
N ILE C 267 -24.88 2.77 -4.97
CA ILE C 267 -25.41 3.47 -6.14
C ILE C 267 -26.64 4.26 -5.73
N LYS C 268 -26.49 5.58 -5.66
CA LYS C 268 -27.62 6.48 -5.43
C LYS C 268 -28.20 6.98 -6.75
N THR C 269 -29.06 7.98 -6.68
CA THR C 269 -29.67 8.60 -7.86
C THR C 269 -28.92 9.87 -8.20
N PRO C 270 -28.97 10.31 -9.46
CA PRO C 270 -28.36 11.60 -9.82
C PRO C 270 -29.02 12.80 -9.15
N SER C 271 -30.23 12.65 -8.61
CA SER C 271 -30.93 13.74 -7.96
C SER C 271 -30.63 13.83 -6.47
N THR C 272 -29.71 13.03 -5.96
CA THR C 272 -29.38 13.03 -4.54
C THR C 272 -28.75 14.37 -4.15
N PRO C 273 -29.27 15.04 -3.12
CA PRO C 273 -28.65 16.29 -2.67
C PRO C 273 -27.24 16.05 -2.15
N LEU C 274 -26.39 17.06 -2.31
CA LEU C 274 -24.99 16.96 -1.94
C LEU C 274 -24.58 17.87 -0.79
N ILE C 275 -25.23 19.02 -0.62
CA ILE C 275 -24.81 19.99 0.38
C ILE C 275 -26.03 20.45 1.18
N THR C 276 -25.78 20.90 2.41
CA THR C 276 -26.82 21.40 3.30
C THR C 276 -26.95 22.92 3.16
N PRO C 277 -28.13 23.43 2.79
CA PRO C 277 -28.36 24.88 2.65
C PRO C 277 -28.15 25.64 3.96
N VAL C 284 -19.39 28.00 7.01
CA VAL C 284 -19.68 27.57 5.64
C VAL C 284 -20.77 26.50 5.65
N TYR C 285 -20.78 25.66 4.62
CA TYR C 285 -21.78 24.62 4.46
C TYR C 285 -21.21 23.27 4.89
N SER C 286 -22.10 22.27 4.94
CA SER C 286 -21.74 20.93 5.38
C SER C 286 -22.41 19.90 4.47
N ALA C 287 -21.88 18.68 4.53
CA ALA C 287 -22.40 17.60 3.69
C ALA C 287 -23.83 17.25 4.09
N HIS C 288 -24.57 16.72 3.12
CA HIS C 288 -25.97 16.40 3.35
C HIS C 288 -26.11 15.09 4.12
N LYS C 289 -27.34 14.80 4.54
CA LYS C 289 -27.60 13.63 5.37
C LYS C 289 -27.48 12.33 4.57
N ASP C 290 -28.00 12.31 3.34
CA ASP C 290 -28.05 11.07 2.57
C ASP C 290 -26.64 10.57 2.24
N LEU C 291 -25.75 11.48 1.87
CA LEU C 291 -24.38 11.09 1.56
C LEU C 291 -23.68 10.47 2.76
N THR C 292 -23.84 11.08 3.94
CA THR C 292 -23.23 10.54 5.15
C THR C 292 -23.84 9.19 5.50
N GLY C 293 -25.15 9.03 5.34
CA GLY C 293 -25.76 7.75 5.60
C GLY C 293 -25.24 6.65 4.69
N ALA C 294 -25.09 6.95 3.41
CA ALA C 294 -24.54 5.98 2.47
C ALA C 294 -23.11 5.60 2.85
N VAL C 295 -22.30 6.59 3.21
CA VAL C 295 -20.92 6.33 3.61
C VAL C 295 -20.89 5.42 4.84
N THR C 296 -21.73 5.71 5.83
CA THR C 296 -21.78 4.88 7.04
C THR C 296 -22.19 3.45 6.72
N GLN C 297 -23.19 3.29 5.84
CA GLN C 297 -23.64 1.95 5.48
C GLN C 297 -22.52 1.15 4.81
N VAL C 298 -21.80 1.78 3.88
CA VAL C 298 -20.72 1.08 3.19
C VAL C 298 -19.63 0.69 4.18
N LEU C 299 -19.28 1.60 5.09
CA LEU C 299 -18.25 1.30 6.08
C LEU C 299 -18.65 0.13 6.98
N THR C 300 -19.92 0.10 7.40
CA THR C 300 -20.40 -1.00 8.22
C THR C 300 -20.30 -2.33 7.48
N TYR C 301 -20.70 -2.35 6.21
CA TYR C 301 -20.61 -3.58 5.44
C TYR C 301 -19.15 -4.05 5.31
N LYS C 302 -18.24 -3.10 5.07
CA LYS C 302 -16.83 -3.46 4.95
C LYS C 302 -16.31 -4.04 6.26
N THR C 303 -16.68 -3.45 7.40
CA THR C 303 -16.22 -3.95 8.69
C THR C 303 -16.72 -5.36 8.94
N THR C 304 -17.99 -5.63 8.62
CA THR C 304 -18.52 -6.97 8.81
C THR C 304 -17.76 -7.98 7.94
N LEU C 305 -17.51 -7.63 6.68
CA LEU C 305 -16.78 -8.53 5.79
C LEU C 305 -15.39 -8.82 6.34
N GLN C 306 -14.69 -7.78 6.80
CA GLN C 306 -13.34 -7.97 7.32
C GLN C 306 -13.34 -8.89 8.54
N ARG C 307 -14.29 -8.69 9.47
CA ARG C 307 -14.33 -9.54 10.65
C ARG C 307 -14.58 -10.99 10.29
N GLU C 308 -15.53 -11.25 9.40
CA GLU C 308 -15.81 -12.64 9.02
C GLU C 308 -14.62 -13.27 8.31
N TYR C 309 -13.95 -12.52 7.44
CA TYR C 309 -12.77 -13.03 6.77
C TYR C 309 -11.67 -13.40 7.76
N GLN C 310 -11.45 -12.52 8.76
CA GLN C 310 -10.43 -12.81 9.76
C GLN C 310 -10.77 -14.06 10.57
N ASN C 311 -12.04 -14.23 10.93
CA ASN C 311 -12.43 -15.42 11.67
C ASN C 311 -12.21 -16.69 10.85
N ILE C 312 -12.56 -16.66 9.56
CA ILE C 312 -12.33 -17.83 8.71
C ILE C 312 -10.84 -18.13 8.61
N ASP C 313 -10.01 -17.10 8.47
CA ASP C 313 -8.57 -17.31 8.38
C ASP C 313 -8.03 -17.93 9.67
N TYR C 314 -8.52 -17.47 10.82
CA TYR C 314 -8.05 -18.05 12.08
C TYR C 314 -8.45 -19.51 12.21
N ASN C 315 -9.67 -19.85 11.79
CA ASN C 315 -10.07 -21.26 11.81
C ASN C 315 -9.17 -22.09 10.91
N ASN C 316 -8.87 -21.59 9.71
CA ASN C 316 -7.98 -22.31 8.81
C ASN C 316 -6.61 -22.52 9.44
N TYR C 317 -6.08 -21.48 10.10
CA TYR C 317 -4.81 -21.63 10.80
C TYR C 317 -4.88 -22.70 11.88
N ARG C 318 -5.93 -22.66 12.69
CA ARG C 318 -6.04 -23.59 13.80
C ARG C 318 -6.24 -25.03 13.34
N GLN C 319 -6.78 -25.24 12.14
CA GLN C 319 -6.86 -26.60 11.61
C GLN C 319 -5.50 -27.20 11.25
N GLY C 320 -4.48 -26.36 11.09
CA GLY C 320 -3.14 -26.82 10.73
C GLY C 320 -2.79 -26.66 9.27
N ILE C 321 -3.62 -25.97 8.48
CA ILE C 321 -3.36 -25.86 7.04
C ILE C 321 -2.23 -24.88 6.76
N LYS C 322 -2.27 -23.71 7.41
CA LYS C 322 -1.29 -22.65 7.15
C LYS C 322 -0.98 -21.93 8.45
N THR C 323 -0.04 -20.99 8.38
CA THR C 323 0.28 -20.10 9.49
C THR C 323 0.41 -18.64 9.10
N ASP C 324 0.41 -18.29 7.81
CA ASP C 324 0.52 -16.91 7.40
C ASP C 324 -0.79 -16.16 7.65
N PHE C 325 -0.75 -14.85 7.45
CA PHE C 325 -1.91 -14.00 7.64
C PHE C 325 -2.50 -13.60 6.29
N ASP C 326 -3.79 -13.81 6.12
CA ASP C 326 -4.54 -13.34 4.96
C ASP C 326 -5.43 -12.18 5.40
N ILE C 327 -5.17 -10.99 4.87
CA ILE C 327 -5.88 -9.78 5.25
C ILE C 327 -6.50 -9.17 4.01
N ILE C 328 -7.79 -8.86 4.09
CA ILE C 328 -8.52 -8.26 2.98
C ILE C 328 -8.83 -6.80 3.32
N THR C 329 -8.63 -5.92 2.35
CA THR C 329 -8.85 -4.48 2.53
C THR C 329 -9.69 -3.97 1.36
N PRO C 330 -10.99 -4.16 1.42
CA PRO C 330 -11.85 -3.71 0.32
C PRO C 330 -11.88 -2.19 0.21
N CYS C 331 -12.13 -1.72 -1.02
CA CYS C 331 -12.28 -0.30 -1.30
C CYS C 331 -13.76 0.06 -1.34
N CYS C 332 -14.06 1.30 -0.95
CA CYS C 332 -15.43 1.77 -0.83
C CYS C 332 -15.68 2.93 -1.76
N VAL C 333 -16.72 2.82 -2.58
CA VAL C 333 -17.10 3.84 -3.55
C VAL C 333 -18.57 4.16 -3.40
N VAL C 334 -18.90 5.45 -3.38
CA VAL C 334 -20.28 5.93 -3.30
C VAL C 334 -20.54 6.79 -4.53
N ILE C 335 -21.59 6.45 -5.27
CA ILE C 335 -21.96 7.18 -6.48
C ILE C 335 -23.08 8.14 -6.12
N ALA C 336 -22.73 9.42 -5.99
CA ALA C 336 -23.63 10.47 -5.55
C ALA C 336 -24.37 11.09 -6.72
N GLY C 337 -24.98 12.26 -6.49
CA GLY C 337 -25.79 12.90 -7.50
C GLY C 337 -25.00 13.61 -8.58
N MET C 338 -25.34 14.87 -8.86
CA MET C 338 -24.74 15.62 -9.97
C MET C 338 -23.88 16.75 -9.44
N PHE C 339 -22.78 17.01 -10.15
CA PHE C 339 -21.85 18.07 -9.80
C PHE C 339 -22.26 19.43 -10.38
N ASP C 340 -23.24 19.47 -11.28
CA ASP C 340 -23.66 20.73 -11.87
C ASP C 340 -24.40 21.60 -10.86
N THR C 341 -25.05 20.97 -9.88
CA THR C 341 -25.85 21.72 -8.91
C THR C 341 -24.98 22.64 -8.06
N LEU C 342 -23.72 22.28 -7.88
CA LEU C 342 -22.82 23.13 -7.11
C LEU C 342 -22.39 24.34 -7.94
N THR C 343 -23.15 25.43 -7.84
CA THR C 343 -22.93 26.59 -8.69
C THR C 343 -21.92 27.57 -8.08
N ASP C 344 -22.20 28.07 -6.88
CA ASP C 344 -21.32 29.05 -6.25
C ASP C 344 -20.00 28.42 -5.84
N THR C 345 -19.00 29.27 -5.62
CA THR C 345 -17.68 28.79 -5.25
C THR C 345 -17.68 28.17 -3.86
N ALA C 346 -18.54 28.68 -2.97
CA ALA C 346 -18.57 28.17 -1.59
C ALA C 346 -18.99 26.70 -1.55
N HIS C 347 -20.02 26.35 -2.30
CA HIS C 347 -20.50 24.97 -2.31
C HIS C 347 -19.43 24.03 -2.86
N ARG C 348 -18.78 24.43 -3.97
CA ARG C 348 -17.74 23.60 -4.56
C ARG C 348 -16.57 23.43 -3.61
N HIS C 349 -16.17 24.51 -2.94
CA HIS C 349 -15.06 24.44 -2.00
C HIS C 349 -15.39 23.52 -0.84
N SER C 350 -16.60 23.65 -0.29
CA SER C 350 -17.00 22.80 0.84
C SER C 350 -17.05 21.33 0.43
N PHE C 351 -17.62 21.04 -0.74
CA PHE C 351 -17.71 19.67 -1.20
C PHE C 351 -16.34 19.08 -1.47
N GLU C 352 -15.44 19.86 -2.07
CA GLU C 352 -14.09 19.38 -2.32
C GLU C 352 -13.35 19.10 -1.01
N LEU C 353 -13.52 19.98 -0.02
CA LEU C 353 -12.89 19.73 1.27
C LEU C 353 -13.44 18.46 1.92
N TYR C 354 -14.76 18.27 1.86
CA TYR C 354 -15.36 17.08 2.45
C TYR C 354 -14.87 15.81 1.77
N ARG C 355 -14.80 15.83 0.44
CA ARG C 355 -14.29 14.66 -0.28
C ARG C 355 -12.83 14.40 0.06
N LYS C 356 -12.04 15.46 0.16
CA LYS C 356 -10.61 15.29 0.44
C LYS C 356 -10.37 14.78 1.85
N GLU C 357 -11.25 15.10 2.79
CA GLU C 357 -11.04 14.68 4.18
C GLU C 357 -11.59 13.29 4.49
N LEU C 358 -12.26 12.63 3.54
CA LEU C 358 -12.76 11.28 3.77
C LEU C 358 -11.60 10.29 3.93
N LYS C 359 -11.79 9.32 4.81
CA LYS C 359 -10.72 8.38 5.14
C LYS C 359 -10.63 7.23 4.14
N ASN C 360 -11.70 6.44 4.04
CA ASN C 360 -11.66 5.20 3.28
C ASN C 360 -12.64 5.15 2.12
N VAL C 361 -13.46 6.17 1.93
CA VAL C 361 -14.52 6.15 0.93
C VAL C 361 -14.18 7.15 -0.17
N THR C 362 -14.54 6.80 -1.40
CA THR C 362 -14.38 7.66 -2.55
C THR C 362 -15.76 8.01 -3.11
N VAL C 363 -16.04 9.30 -3.23
CA VAL C 363 -17.33 9.79 -3.70
C VAL C 363 -17.19 10.25 -5.14
N ILE C 364 -18.05 9.74 -6.02
CA ILE C 364 -18.04 10.09 -7.43
C ILE C 364 -19.46 10.42 -7.86
N THR C 365 -19.61 11.49 -8.64
CA THR C 365 -20.90 11.89 -9.18
C THR C 365 -21.10 11.26 -10.56
N PHE C 366 -22.36 11.24 -11.02
CA PHE C 366 -22.66 10.63 -12.31
C PHE C 366 -21.97 11.34 -13.47
N ASP C 367 -21.88 12.67 -13.41
CA ASP C 367 -21.24 13.42 -14.48
C ASP C 367 -19.78 13.02 -14.64
N GLU C 368 -19.06 12.90 -13.52
CA GLU C 368 -17.66 12.48 -13.57
C GLU C 368 -17.54 11.05 -14.07
N LEU C 369 -18.45 10.17 -13.65
CA LEU C 369 -18.43 8.79 -14.11
C LEU C 369 -18.57 8.68 -15.62
N PHE C 370 -19.52 9.41 -16.20
CA PHE C 370 -19.70 9.32 -17.64
C PHE C 370 -18.71 10.18 -18.42
N GLU C 371 -18.07 11.16 -17.78
CA GLU C 371 -16.89 11.76 -18.37
C GLU C 371 -15.74 10.76 -18.47
N ARG C 372 -15.58 9.92 -17.44
CA ARG C 372 -14.62 8.82 -17.53
C ARG C 372 -14.99 7.84 -18.63
N VAL C 373 -16.29 7.57 -18.80
CA VAL C 373 -16.74 6.71 -19.90
C VAL C 373 -16.37 7.32 -21.25
N LYS C 374 -16.61 8.63 -21.41
CA LYS C 374 -16.23 9.30 -22.65
C LYS C 374 -14.72 9.24 -22.88
N GLY C 375 -13.93 9.42 -21.82
CA GLY C 375 -12.49 9.31 -21.96
C GLY C 375 -12.04 7.93 -22.40
N LEU C 376 -12.66 6.89 -21.82
CA LEU C 376 -12.32 5.53 -22.25
C LEU C 376 -12.71 5.29 -23.70
N ILE C 377 -13.87 5.80 -24.12
CA ILE C 377 -14.28 5.66 -25.52
C ILE C 377 -13.27 6.33 -26.44
N LYS C 378 -12.82 7.53 -26.08
CA LYS C 378 -11.84 8.24 -26.90
C LYS C 378 -10.51 7.50 -26.93
N LEU C 379 -10.10 6.92 -25.80
CA LEU C 379 -8.83 6.22 -25.75
C LEU C 379 -8.85 4.96 -26.61
N LEU C 380 -9.89 4.13 -26.47
CA LEU C 380 -9.92 2.87 -27.18
C LEU C 380 -10.08 3.03 -28.68
N GLU C 381 -10.60 4.17 -29.14
CA GLU C 381 -10.90 4.35 -30.55
C GLU C 381 -9.68 4.86 -31.32
N LEU D 149 24.78 10.47 49.86
CA LEU D 149 24.28 10.42 48.50
C LEU D 149 24.04 11.82 47.94
N GLU D 150 23.39 12.67 48.74
CA GLU D 150 23.07 14.02 48.30
C GLU D 150 24.34 14.82 48.02
N LYS D 151 25.34 14.70 48.90
CA LYS D 151 26.58 15.44 48.73
C LYS D 151 27.34 14.96 47.49
N THR D 152 27.32 13.64 47.24
CA THR D 152 27.97 13.11 46.04
C THR D 152 27.32 13.65 44.78
N LEU D 153 25.99 13.69 44.76
CA LEU D 153 25.27 14.22 43.60
C LEU D 153 25.54 15.71 43.42
N GLU D 154 25.61 16.46 44.52
CA GLU D 154 25.96 17.87 44.43
C GLU D 154 27.37 18.06 43.87
N TRP D 155 28.31 17.23 44.31
CA TRP D 155 29.68 17.33 43.83
C TRP D 155 29.81 16.95 42.36
N ILE D 156 29.03 15.97 41.90
CA ILE D 156 29.09 15.56 40.50
C ILE D 156 28.70 16.72 39.59
N VAL D 157 27.60 17.39 39.91
CA VAL D 157 27.09 18.47 39.07
C VAL D 157 28.04 19.67 39.10
N THR D 158 28.47 20.07 40.31
CA THR D 158 29.32 21.24 40.48
C THR D 158 30.76 20.78 40.63
N ASN D 159 31.52 20.86 39.54
CA ASN D 159 32.93 20.50 39.55
C ASN D 159 33.65 21.30 38.49
N ASP D 160 34.99 21.31 38.60
CA ASP D 160 35.80 22.12 37.68
C ASP D 160 35.81 21.54 36.28
N ASN D 161 36.27 20.30 36.14
CA ASN D 161 36.46 19.70 34.82
C ASN D 161 35.43 18.61 34.57
N PRO D 162 34.39 18.86 33.77
CA PRO D 162 33.44 17.78 33.43
C PRO D 162 34.10 16.63 32.69
N ASP D 163 35.14 16.91 31.89
CA ASP D 163 35.79 15.86 31.12
C ASP D 163 36.43 14.81 32.03
N LYS D 164 37.04 15.25 33.13
CA LYS D 164 37.60 14.31 34.09
C LYS D 164 36.51 13.43 34.70
N ILE D 165 35.36 14.03 35.02
CA ILE D 165 34.24 13.26 35.54
C ILE D 165 33.77 12.23 34.53
N ILE D 166 33.68 12.62 33.25
CA ILE D 166 33.24 11.69 32.21
C ILE D 166 34.24 10.54 32.07
N ASP D 167 35.53 10.86 32.09
CA ASP D 167 36.56 9.82 31.99
C ASP D 167 36.49 8.86 33.17
N ARG D 168 36.26 9.38 34.38
CA ARG D 168 36.14 8.52 35.55
C ARG D 168 34.87 7.69 35.49
N LEU D 169 33.81 8.23 34.90
CA LEU D 169 32.55 7.49 34.77
C LEU D 169 32.67 6.37 33.76
N LYS D 170 33.48 6.57 32.72
CA LYS D 170 33.56 5.59 31.63
C LYS D 170 34.14 4.27 32.10
N ASN D 171 34.77 4.24 33.28
CA ASN D 171 35.36 3.01 33.78
C ASN D 171 34.33 2.05 34.35
N LEU D 172 33.08 2.48 34.52
CA LEU D 172 32.04 1.62 35.09
C LEU D 172 31.53 0.63 34.06
N LYS D 173 30.78 -0.37 34.51
CA LYS D 173 30.17 -1.35 33.63
C LYS D 173 28.98 -0.72 32.94
N GLU D 174 28.73 -1.12 31.69
CA GLU D 174 27.59 -0.61 30.93
C GLU D 174 26.27 -0.90 31.62
N GLN D 175 26.13 -2.05 32.29
CA GLN D 175 24.91 -2.37 33.01
C GLN D 175 24.60 -1.39 34.13
N ASP D 176 25.64 -0.78 34.73
CA ASP D 176 25.40 0.27 35.72
C ASP D 176 24.93 1.56 35.07
N LEU D 177 25.52 1.95 33.94
CA LEU D 177 25.09 3.16 33.26
C LEU D 177 23.65 3.05 32.76
N ASP D 178 23.27 1.86 32.25
CA ASP D 178 21.89 1.68 31.81
C ASP D 178 20.91 1.85 32.96
N GLN D 179 21.21 1.27 34.12
CA GLN D 179 20.31 1.41 35.25
C GLN D 179 20.28 2.83 35.79
N LEU D 180 21.41 3.52 35.74
CA LEU D 180 21.43 4.93 36.13
C LEU D 180 20.53 5.76 35.22
N ASN D 181 20.62 5.52 33.91
CA ASN D 181 19.76 6.23 32.97
C ASN D 181 18.30 5.91 33.22
N THR D 182 17.99 4.64 33.51
CA THR D 182 16.61 4.26 33.80
C THR D 182 16.09 4.95 35.05
N LEU D 183 16.90 5.02 36.11
CA LEU D 183 16.47 5.71 37.33
C LEU D 183 16.24 7.19 37.07
N ILE D 184 17.12 7.83 36.31
CA ILE D 184 16.94 9.26 36.00
C ILE D 184 15.66 9.46 35.19
N GLY D 185 15.40 8.58 34.22
CA GLY D 185 14.17 8.69 33.45
C GLY D 185 12.92 8.53 34.31
N ILE D 186 12.96 7.58 35.24
CA ILE D 186 11.82 7.38 36.14
C ILE D 186 11.61 8.61 37.01
N ALA D 187 12.70 9.21 37.51
CA ALA D 187 12.58 10.42 38.30
C ALA D 187 11.97 11.56 37.49
N ASN D 188 12.40 11.72 36.24
CA ASN D 188 11.82 12.76 35.39
C ASN D 188 10.33 12.51 35.16
N LEU D 189 9.95 11.26 34.92
CA LEU D 189 8.54 10.93 34.70
C LEU D 189 7.70 11.27 35.93
N LYS D 190 8.20 10.90 37.12
CA LYS D 190 7.47 11.20 38.35
C LYS D 190 7.34 12.70 38.56
N LYS D 191 8.41 13.45 38.26
CA LYS D 191 8.36 14.91 38.38
C LYS D 191 7.30 15.50 37.45
N VAL D 192 7.24 15.03 36.22
CA VAL D 192 6.25 15.54 35.26
C VAL D 192 4.84 15.21 35.74
N LEU D 193 4.65 14.00 36.26
CA LEU D 193 3.33 13.60 36.74
C LEU D 193 2.90 14.48 37.91
N SER D 194 3.81 14.75 38.85
CA SER D 194 3.48 15.62 39.97
C SER D 194 3.15 17.03 39.50
N VAL D 195 3.91 17.54 38.51
CA VAL D 195 3.63 18.87 37.98
C VAL D 195 2.24 18.92 37.37
N TRP D 196 1.85 17.89 36.62
CA TRP D 196 0.51 17.87 36.05
C TRP D 196 -0.56 17.79 37.14
N GLU D 197 -0.31 16.99 38.18
CA GLU D 197 -1.29 16.88 39.25
C GLU D 197 -1.48 18.20 39.98
N SER D 198 -0.41 18.98 40.18
CA SER D 198 -0.53 20.24 40.89
C SER D 198 -1.34 21.26 40.12
N ASN D 199 -1.11 21.38 38.81
CA ASN D 199 -1.70 22.43 37.99
C ASN D 199 -2.84 21.94 37.11
N LYS D 200 -3.49 20.83 37.47
CA LYS D 200 -4.53 20.26 36.62
C LYS D 200 -5.76 21.16 36.57
N LEU D 201 -6.16 21.73 37.70
CA LEU D 201 -7.47 22.39 37.79
C LEU D 201 -7.38 23.90 37.69
N THR D 202 -6.19 24.48 37.57
CA THR D 202 -6.08 25.93 37.67
C THR D 202 -5.65 26.57 36.35
N ASN D 203 -4.51 26.15 35.82
CA ASN D 203 -3.93 26.82 34.65
C ASN D 203 -4.77 26.56 33.42
N THR D 204 -5.05 27.64 32.68
CA THR D 204 -5.79 27.57 31.42
C THR D 204 -5.09 28.29 30.28
N SER D 205 -3.79 28.56 30.42
CA SER D 205 -3.02 29.29 29.43
C SER D 205 -2.29 28.30 28.53
N GLU D 206 -2.40 28.49 27.21
CA GLU D 206 -1.76 27.58 26.27
C GLU D 206 -0.24 27.62 26.41
N LYS D 207 0.32 28.79 26.72
CA LYS D 207 1.78 28.92 26.78
C LYS D 207 2.38 28.05 27.87
N PHE D 208 1.73 27.99 29.03
CA PHE D 208 2.24 27.17 30.12
C PHE D 208 2.33 25.71 29.73
N TRP D 209 1.24 25.16 29.19
CA TRP D 209 1.23 23.76 28.79
C TRP D 209 2.17 23.48 27.63
N GLN D 210 2.28 24.40 26.67
CA GLN D 210 3.23 24.21 25.58
C GLN D 210 4.66 24.17 26.11
N SER D 211 5.01 25.05 27.05
CA SER D 211 6.34 25.01 27.64
C SER D 211 6.56 23.71 28.41
N VAL D 212 5.55 23.26 29.16
CA VAL D 212 5.68 22.03 29.93
C VAL D 212 5.93 20.85 29.01
N LEU D 213 5.19 20.77 27.89
CA LEU D 213 5.38 19.65 26.98
C LEU D 213 6.66 19.78 26.16
N LYS D 214 7.14 21.00 25.93
CA LYS D 214 8.41 21.15 25.21
C LYS D 214 9.59 20.78 26.08
N GLU D 215 9.46 20.96 27.40
CA GLU D 215 10.55 20.58 28.30
C GLU D 215 10.72 19.07 28.41
N ASN D 216 9.76 18.28 27.93
CA ASN D 216 9.78 16.84 28.12
C ASN D 216 9.51 16.09 26.83
N THR D 217 10.20 16.44 25.75
CA THR D 217 9.91 15.88 24.44
C THR D 217 10.22 14.39 24.32
N TRP D 218 11.16 13.86 25.12
CA TRP D 218 11.48 12.45 25.02
C TRP D 218 10.33 11.55 25.46
N ILE D 219 9.51 12.00 26.40
CA ILE D 219 8.31 11.27 26.75
C ILE D 219 7.37 11.18 25.55
N LEU D 220 7.21 12.29 24.83
CA LEU D 220 6.37 12.27 23.63
C LEU D 220 6.96 11.35 22.57
N SER D 221 8.28 11.34 22.41
CA SER D 221 8.90 10.42 21.46
C SER D 221 8.65 8.97 21.84
N GLN D 222 8.74 8.64 23.13
CA GLN D 222 8.44 7.28 23.57
C GLN D 222 6.98 6.93 23.33
N ILE D 223 6.06 7.88 23.59
CA ILE D 223 4.64 7.59 23.44
C ILE D 223 4.26 7.40 21.98
N PHE D 224 4.73 8.27 21.09
CA PHE D 224 4.35 8.23 19.69
C PHE D 224 5.33 7.50 18.79
N SER D 225 6.40 6.94 19.36
CA SER D 225 7.32 6.05 18.63
C SER D 225 7.97 6.73 17.43
N ASN D 226 8.58 7.89 17.66
CA ASN D 226 9.35 8.57 16.63
C ASN D 226 10.34 9.52 17.29
N PRO D 227 11.64 9.38 17.01
CA PRO D 227 12.65 10.20 17.71
C PRO D 227 12.63 11.67 17.36
N THR D 228 11.93 12.08 16.30
CA THR D 228 11.90 13.48 15.88
C THR D 228 10.53 14.08 16.16
N VAL D 229 10.50 15.18 16.89
CA VAL D 229 9.27 15.85 17.29
C VAL D 229 9.33 17.29 16.81
N LEU D 230 8.28 17.74 16.14
CA LEU D 230 8.21 19.09 15.59
C LEU D 230 7.13 19.87 16.33
N ILE D 231 7.54 20.93 17.02
CA ILE D 231 6.62 21.81 17.74
C ILE D 231 6.95 23.25 17.40
N ASN D 232 6.00 23.95 16.76
CA ASN D 232 6.12 25.36 16.44
C ASN D 232 7.40 25.65 15.65
N ASP D 233 7.57 24.91 14.55
CA ASP D 233 8.70 25.09 13.64
C ASP D 233 10.04 24.94 14.37
N GLU D 234 10.16 23.85 15.13
CA GLU D 234 11.41 23.50 15.78
C GLU D 234 11.48 21.99 15.91
N ALA D 235 12.70 21.46 15.83
CA ALA D 235 12.93 20.01 15.86
C ALA D 235 13.65 19.64 17.14
N TYR D 236 13.10 18.68 17.89
CA TYR D 236 13.70 18.18 19.11
C TYR D 236 14.13 16.73 18.92
N VAL D 237 15.40 16.46 19.16
CA VAL D 237 15.95 15.11 19.09
C VAL D 237 16.71 14.84 20.38
N GLY D 238 16.32 13.77 21.08
CA GLY D 238 16.97 13.40 22.32
C GLY D 238 16.85 14.46 23.41
N GLY D 239 15.73 15.19 23.40
CA GLY D 239 15.50 16.23 24.38
C GLY D 239 16.23 17.53 24.11
N LYS D 240 16.98 17.64 23.03
CA LYS D 240 17.71 18.84 22.68
C LYS D 240 17.14 19.46 21.41
N THR D 241 17.27 20.77 21.30
CA THR D 241 16.77 21.49 20.13
C THR D 241 17.82 21.47 19.03
N VAL D 242 17.41 21.03 17.84
CA VAL D 242 18.30 21.03 16.69
C VAL D 242 18.29 22.41 16.06
N LYS D 243 19.45 23.04 15.99
CA LYS D 243 19.58 24.41 15.48
C LYS D 243 20.23 24.35 14.11
N ASN D 244 19.43 24.42 13.06
CA ASN D 244 19.95 24.45 11.70
C ASN D 244 20.59 25.80 11.42
N ASP D 245 21.69 25.78 10.66
CA ASP D 245 22.40 27.02 10.35
C ASP D 245 21.51 27.99 9.57
N SER D 246 20.84 27.49 8.54
CA SER D 246 19.91 28.32 7.79
C SER D 246 18.52 28.27 8.40
N GLY D 247 17.72 29.29 8.11
CA GLY D 247 16.37 29.35 8.62
C GLY D 247 15.40 28.50 7.81
N LYS D 248 15.69 27.20 7.69
CA LYS D 248 14.87 26.28 6.92
C LYS D 248 14.87 24.92 7.64
N LEU D 249 13.71 24.53 8.16
CA LEU D 249 13.59 23.22 8.80
C LEU D 249 13.69 22.09 7.77
N VAL D 250 13.20 22.34 6.56
CA VAL D 250 13.20 21.29 5.53
C VAL D 250 14.63 20.92 5.15
N ASP D 251 15.55 21.90 5.18
CA ASP D 251 16.94 21.60 4.89
C ASP D 251 17.51 20.59 5.88
N PHE D 252 17.19 20.75 7.16
CA PHE D 252 17.62 19.77 8.16
C PHE D 252 16.90 18.45 7.96
N LEU D 253 15.60 18.48 7.67
CA LEU D 253 14.85 17.24 7.53
C LEU D 253 15.35 16.40 6.36
N TYR D 254 15.68 17.03 5.24
CA TYR D 254 16.17 16.29 4.08
C TYR D 254 17.52 15.63 4.35
N ALA D 255 18.36 16.26 5.16
CA ALA D 255 19.66 15.70 5.53
C ALA D 255 19.65 15.10 6.94
N ASN D 256 18.48 14.80 7.47
CA ASN D 256 18.38 14.27 8.83
C ASN D 256 18.93 12.85 8.90
N PRO D 257 19.93 12.57 9.75
CA PRO D 257 20.43 11.20 9.86
C PRO D 257 19.67 10.34 10.85
N PHE D 258 18.95 10.95 11.80
CA PHE D 258 18.33 10.20 12.87
C PHE D 258 17.09 9.43 12.43
N SER D 259 16.28 10.00 11.55
CA SER D 259 15.10 9.31 11.04
C SER D 259 14.66 10.01 9.76
N LYS D 260 13.84 9.30 8.98
CA LYS D 260 13.32 9.84 7.74
C LYS D 260 11.98 10.56 7.90
N ASP D 261 11.27 10.33 9.00
CA ASP D 261 9.99 10.95 9.26
C ASP D 261 10.00 11.67 10.60
N ALA D 262 8.93 12.40 10.87
CA ALA D 262 8.80 13.16 12.11
C ALA D 262 7.34 13.15 12.54
N VAL D 263 7.09 13.76 13.69
CA VAL D 263 5.75 13.87 14.25
C VAL D 263 5.42 15.33 14.44
N LEU D 264 4.27 15.75 13.91
CA LEU D 264 3.78 17.11 14.08
C LEU D 264 2.76 17.14 15.22
N ILE D 265 3.01 17.98 16.21
CA ILE D 265 2.19 18.04 17.41
C ILE D 265 1.62 19.45 17.56
N GLU D 266 0.31 19.53 17.77
CA GLU D 266 -0.38 20.78 18.08
C GLU D 266 -0.93 20.65 19.50
N ILE D 267 -0.60 21.62 20.35
CA ILE D 267 -0.88 21.54 21.77
C ILE D 267 -1.91 22.61 22.13
N LYS D 268 -2.97 22.20 22.79
CA LYS D 268 -4.01 23.10 23.29
C LYS D 268 -4.09 22.99 24.81
N THR D 269 -5.05 23.71 25.38
CA THR D 269 -5.32 23.69 26.81
C THR D 269 -6.24 22.53 27.16
N PRO D 270 -6.19 22.06 28.41
CA PRO D 270 -7.14 21.02 28.83
C PRO D 270 -8.56 21.53 28.94
N SER D 271 -8.74 22.84 28.86
CA SER D 271 -10.05 23.47 28.97
C SER D 271 -10.75 23.61 27.61
N THR D 272 -10.14 23.12 26.54
CA THR D 272 -10.74 23.24 25.23
C THR D 272 -11.97 22.33 25.14
N PRO D 273 -13.13 22.85 24.75
CA PRO D 273 -14.31 22.00 24.58
C PRO D 273 -14.12 21.01 23.44
N LEU D 274 -14.75 19.85 23.57
CA LEU D 274 -14.63 18.79 22.59
C LEU D 274 -15.87 18.65 21.71
N ILE D 275 -17.07 18.72 22.28
CA ILE D 275 -18.30 18.50 21.55
C ILE D 275 -19.25 19.66 21.79
N THR D 276 -20.18 19.86 20.84
CA THR D 276 -21.15 20.92 20.93
C THR D 276 -22.55 20.37 21.14
N PRO D 277 -23.33 20.96 22.06
CA PRO D 277 -24.69 20.52 22.35
C PRO D 277 -25.67 20.90 21.24
N VAL D 284 -27.37 13.14 17.53
CA VAL D 284 -25.91 13.20 17.57
C VAL D 284 -25.45 14.61 17.87
N TYR D 285 -24.13 14.80 17.94
CA TYR D 285 -23.53 16.09 18.23
C TYR D 285 -22.35 16.32 17.31
N SER D 286 -22.02 17.60 17.10
CA SER D 286 -20.93 17.99 16.21
C SER D 286 -19.72 18.43 17.03
N ALA D 287 -18.54 18.25 16.44
CA ALA D 287 -17.30 18.63 17.08
C ALA D 287 -17.17 20.15 17.16
N HIS D 288 -16.53 20.62 18.21
CA HIS D 288 -16.37 22.05 18.42
C HIS D 288 -15.39 22.64 17.40
N LYS D 289 -15.46 23.96 17.22
CA LYS D 289 -14.63 24.63 16.23
C LYS D 289 -13.15 24.60 16.62
N ASP D 290 -12.87 24.68 17.92
CA ASP D 290 -11.48 24.76 18.38
C ASP D 290 -10.70 23.51 18.03
N LEU D 291 -11.37 22.39 17.82
CA LEU D 291 -10.73 21.14 17.42
C LEU D 291 -10.49 21.08 15.92
N THR D 292 -11.52 21.38 15.12
CA THR D 292 -11.38 21.33 13.68
C THR D 292 -10.40 22.36 13.16
N GLY D 293 -10.33 23.53 13.79
CA GLY D 293 -9.34 24.52 13.38
C GLY D 293 -7.92 24.01 13.55
N ALA D 294 -7.64 23.38 14.70
CA ALA D 294 -6.31 22.81 14.92
C ALA D 294 -6.02 21.69 13.93
N VAL D 295 -7.00 20.83 13.66
CA VAL D 295 -6.79 19.76 12.70
C VAL D 295 -6.42 20.32 11.33
N THR D 296 -7.18 21.34 10.87
CA THR D 296 -6.90 21.96 9.59
C THR D 296 -5.52 22.61 9.57
N GLN D 297 -5.13 23.28 10.65
CA GLN D 297 -3.82 23.92 10.69
C GLN D 297 -2.70 22.90 10.58
N VAL D 298 -2.82 21.77 11.31
CA VAL D 298 -1.79 20.75 11.24
C VAL D 298 -1.71 20.15 9.84
N LEU D 299 -2.87 19.89 9.22
CA LEU D 299 -2.85 19.35 7.86
C LEU D 299 -2.21 20.32 6.88
N THR D 300 -2.48 21.62 7.00
CA THR D 300 -1.86 22.60 6.13
C THR D 300 -0.34 22.62 6.31
N TYR D 301 0.13 22.57 7.56
CA TYR D 301 1.57 22.55 7.80
C TYR D 301 2.21 21.30 7.19
N LYS D 302 1.57 20.14 7.34
CA LYS D 302 2.08 18.92 6.75
C LYS D 302 2.17 19.03 5.23
N THR D 303 1.14 19.58 4.59
CA THR D 303 1.15 19.73 3.14
C THR D 303 2.29 20.64 2.69
N THR D 304 2.51 21.75 3.40
CA THR D 304 3.60 22.65 3.05
C THR D 304 4.95 21.95 3.17
N LEU D 305 5.16 21.21 4.27
CA LEU D 305 6.41 20.49 4.44
C LEU D 305 6.64 19.49 3.31
N GLN D 306 5.60 18.73 2.96
CA GLN D 306 5.75 17.74 1.89
C GLN D 306 6.08 18.39 0.56
N ARG D 307 5.41 19.50 0.24
CA ARG D 307 5.70 20.17 -1.03
C ARG D 307 7.13 20.68 -1.10
N GLU D 308 7.61 21.30 -0.02
CA GLU D 308 8.99 21.78 -0.03
C GLU D 308 10.00 20.64 -0.10
N TYR D 309 9.72 19.53 0.59
CA TYR D 309 10.59 18.36 0.50
C TYR D 309 10.65 17.82 -0.93
N GLN D 310 9.50 17.76 -1.61
CA GLN D 310 9.50 17.31 -3.00
C GLN D 310 10.31 18.23 -3.89
N ASN D 311 10.17 19.54 -3.70
CA ASN D 311 10.95 20.49 -4.51
C ASN D 311 12.44 20.29 -4.29
N ILE D 312 12.86 20.12 -3.03
CA ILE D 312 14.28 19.92 -2.75
C ILE D 312 14.77 18.62 -3.39
N ASP D 313 13.99 17.55 -3.29
CA ASP D 313 14.41 16.28 -3.89
C ASP D 313 14.55 16.39 -5.40
N TYR D 314 13.59 17.05 -6.06
CA TYR D 314 13.69 17.21 -7.50
C TYR D 314 14.89 18.05 -7.90
N ASN D 315 15.17 19.13 -7.16
CA ASN D 315 16.37 19.91 -7.45
C ASN D 315 17.62 19.08 -7.26
N ASN D 316 17.62 18.16 -6.30
CA ASN D 316 18.75 17.26 -6.13
C ASN D 316 18.89 16.31 -7.32
N TYR D 317 17.77 15.84 -7.87
CA TYR D 317 17.81 14.88 -8.97
C TYR D 317 18.50 15.47 -10.20
N ARG D 318 18.16 16.72 -10.54
CA ARG D 318 18.67 17.31 -11.78
C ARG D 318 20.15 17.64 -11.74
N GLN D 319 20.81 17.54 -10.59
CA GLN D 319 22.25 17.77 -10.51
C GLN D 319 23.07 16.51 -10.75
N GLY D 320 22.42 15.37 -10.96
CA GLY D 320 23.11 14.12 -11.18
C GLY D 320 23.48 13.36 -9.92
N ILE D 321 23.13 13.89 -8.74
CA ILE D 321 23.49 13.22 -7.50
C ILE D 321 22.76 11.89 -7.36
N LYS D 322 21.46 11.87 -7.63
CA LYS D 322 20.68 10.66 -7.48
C LYS D 322 19.47 10.73 -8.41
N THR D 323 18.89 9.56 -8.69
CA THR D 323 17.66 9.48 -9.46
C THR D 323 16.55 8.73 -8.75
N ASP D 324 16.75 8.35 -7.48
CA ASP D 324 15.74 7.65 -6.72
C ASP D 324 14.82 8.65 -6.01
N PHE D 325 13.67 8.17 -5.55
CA PHE D 325 12.68 9.02 -4.93
C PHE D 325 12.78 8.95 -3.40
N ASP D 326 12.79 10.11 -2.76
CA ASP D 326 12.72 10.22 -1.31
C ASP D 326 11.42 10.95 -0.95
N ILE D 327 10.55 10.28 -0.20
CA ILE D 327 9.25 10.82 0.15
C ILE D 327 9.09 10.81 1.66
N ILE D 328 8.53 11.89 2.19
CA ILE D 328 8.34 12.07 3.62
C ILE D 328 6.85 12.05 3.91
N THR D 329 6.45 11.29 4.93
CA THR D 329 5.05 11.19 5.36
C THR D 329 5.00 11.35 6.88
N PRO D 330 4.94 12.58 7.38
CA PRO D 330 4.89 12.78 8.83
C PRO D 330 3.53 12.39 9.41
N CYS D 331 3.50 12.30 10.73
CA CYS D 331 2.30 11.93 11.47
C CYS D 331 1.79 13.14 12.24
N CYS D 332 0.47 13.29 12.31
CA CYS D 332 -0.16 14.46 12.91
C CYS D 332 -0.89 14.08 14.18
N VAL D 333 -0.58 14.80 15.27
CA VAL D 333 -1.17 14.56 16.58
C VAL D 333 -1.70 15.88 17.12
N VAL D 334 -2.93 15.84 17.64
CA VAL D 334 -3.57 17.00 18.25
C VAL D 334 -3.95 16.63 19.68
N ILE D 335 -3.50 17.44 20.64
CA ILE D 335 -3.79 17.21 22.05
C ILE D 335 -4.99 18.09 22.44
N ALA D 336 -6.13 17.44 22.66
CA ALA D 336 -7.39 18.12 22.93
C ALA D 336 -7.54 18.31 24.44
N GLY D 337 -8.72 18.62 24.97
CA GLY D 337 -8.85 18.89 26.39
C GLY D 337 -8.99 17.64 27.24
N MET D 338 -10.10 17.52 27.95
CA MET D 338 -10.30 16.41 28.88
C MET D 338 -11.47 15.54 28.44
N PHE D 339 -11.35 14.25 28.69
CA PHE D 339 -12.33 13.26 28.26
C PHE D 339 -13.42 12.99 29.30
N ASP D 340 -13.18 13.33 30.57
CA ASP D 340 -14.15 13.04 31.61
C ASP D 340 -15.40 13.89 31.53
N THR D 341 -15.38 14.98 30.75
CA THR D 341 -16.55 15.85 30.66
C THR D 341 -17.68 15.21 29.87
N LEU D 342 -17.38 14.16 29.09
CA LEU D 342 -18.39 13.48 28.28
C LEU D 342 -19.12 12.45 29.16
N THR D 343 -19.94 12.98 30.06
CA THR D 343 -20.64 12.11 31.02
C THR D 343 -21.68 11.25 30.33
N ASP D 344 -22.53 11.85 29.50
CA ASP D 344 -23.59 11.12 28.83
C ASP D 344 -23.01 10.21 27.74
N THR D 345 -23.77 9.15 27.44
CA THR D 345 -23.31 8.19 26.43
C THR D 345 -23.29 8.79 25.03
N ALA D 346 -24.20 9.72 24.75
CA ALA D 346 -24.27 10.31 23.41
C ALA D 346 -23.00 11.07 23.07
N HIS D 347 -22.50 11.87 24.01
CA HIS D 347 -21.28 12.62 23.76
C HIS D 347 -20.09 11.70 23.52
N ARG D 348 -19.96 10.65 24.34
CA ARG D 348 -18.86 9.71 24.14
C ARG D 348 -18.97 9.00 22.80
N HIS D 349 -20.18 8.58 22.42
CA HIS D 349 -20.35 7.92 21.14
C HIS D 349 -20.00 8.83 19.98
N SER D 350 -20.46 10.09 20.03
CA SER D 350 -20.15 11.03 18.95
C SER D 350 -18.65 11.30 18.87
N PHE D 351 -18.01 11.48 20.03
CA PHE D 351 -16.57 11.75 20.04
C PHE D 351 -15.78 10.57 19.49
N GLU D 352 -16.16 9.34 19.89
CA GLU D 352 -15.47 8.17 19.39
C GLU D 352 -15.66 8.01 17.90
N LEU D 353 -16.87 8.24 17.39
CA LEU D 353 -17.09 8.16 15.95
C LEU D 353 -16.27 9.22 15.21
N TYR D 354 -16.23 10.44 15.74
CA TYR D 354 -15.45 11.49 15.09
C TYR D 354 -13.97 11.14 15.05
N ARG D 355 -13.44 10.62 16.16
CA ARG D 355 -12.03 10.22 16.16
C ARG D 355 -11.78 9.05 15.22
N LYS D 356 -12.75 8.13 15.09
CA LYS D 356 -12.60 7.03 14.16
C LYS D 356 -12.65 7.49 12.71
N GLU D 357 -13.36 8.57 12.42
CA GLU D 357 -13.51 9.03 11.04
C GLU D 357 -12.33 9.85 10.54
N LEU D 358 -11.44 10.31 11.43
CA LEU D 358 -10.33 11.15 11.02
C LEU D 358 -9.37 10.37 10.12
N LYS D 359 -8.83 11.06 9.11
CA LYS D 359 -8.00 10.40 8.10
C LYS D 359 -6.55 10.27 8.55
N ASN D 360 -5.87 11.39 8.79
CA ASN D 360 -4.44 11.40 9.04
C ASN D 360 -4.07 12.15 10.32
N VAL D 361 -5.03 12.33 11.23
CA VAL D 361 -4.79 13.05 12.47
C VAL D 361 -5.24 12.20 13.64
N THR D 362 -4.42 12.15 14.68
CA THR D 362 -4.74 11.41 15.91
C THR D 362 -5.04 12.43 17.01
N VAL D 363 -6.24 12.37 17.56
CA VAL D 363 -6.65 13.29 18.62
C VAL D 363 -6.57 12.57 19.96
N ILE D 364 -5.84 13.15 20.91
CA ILE D 364 -5.64 12.56 22.21
C ILE D 364 -5.89 13.63 23.28
N THR D 365 -6.55 13.23 24.37
CA THR D 365 -6.82 14.15 25.46
C THR D 365 -5.68 14.12 26.48
N PHE D 366 -5.71 15.07 27.41
CA PHE D 366 -4.70 15.12 28.46
C PHE D 366 -4.81 13.92 29.41
N ASP D 367 -6.04 13.51 29.72
CA ASP D 367 -6.23 12.38 30.62
C ASP D 367 -5.59 11.11 30.06
N GLU D 368 -5.83 10.83 28.77
CA GLU D 368 -5.23 9.65 28.16
C GLU D 368 -3.71 9.78 28.10
N LEU D 369 -3.20 10.97 27.82
CA LEU D 369 -1.75 11.18 27.77
C LEU D 369 -1.09 10.89 29.11
N PHE D 370 -1.68 11.35 30.20
CA PHE D 370 -1.05 11.10 31.49
C PHE D 370 -1.37 9.72 32.06
N GLU D 371 -2.45 9.07 31.59
CA GLU D 371 -2.59 7.64 31.83
C GLU D 371 -1.47 6.86 31.15
N ARG D 372 -1.11 7.26 29.93
CA ARG D 372 0.05 6.69 29.26
C ARG D 372 1.33 6.94 30.05
N VAL D 373 1.49 8.15 30.60
CA VAL D 373 2.66 8.45 31.42
C VAL D 373 2.71 7.53 32.63
N LYS D 374 1.58 7.34 33.32
CA LYS D 374 1.54 6.42 34.45
C LYS D 374 1.87 5.00 34.03
N GLY D 375 1.36 4.57 32.87
CA GLY D 375 1.69 3.24 32.39
C GLY D 375 3.17 3.06 32.11
N LEU D 376 3.79 4.07 31.51
CA LEU D 376 5.23 4.00 31.27
C LEU D 376 6.02 3.97 32.58
N ILE D 377 5.57 4.74 33.58
CA ILE D 377 6.22 4.70 34.88
C ILE D 377 6.13 3.30 35.47
N LYS D 378 4.95 2.69 35.39
CA LYS D 378 4.76 1.35 35.95
C LYS D 378 5.60 0.32 35.19
N LEU D 379 5.72 0.47 33.86
CA LEU D 379 6.50 -0.47 33.08
C LEU D 379 7.98 -0.38 33.43
N LEU D 380 8.53 0.84 33.41
CA LEU D 380 9.96 1.01 33.70
C LEU D 380 10.29 0.62 35.13
N GLU D 381 9.44 1.04 36.08
CA GLU D 381 9.73 0.79 37.48
C GLU D 381 9.61 -0.69 37.84
N GLY D 382 8.64 -1.37 37.23
CA GLY D 382 8.42 -2.78 37.51
C GLY D 382 9.60 -3.67 37.13
#